data_8BIR
#
_entry.id   8BIR
#
_cell.length_a   137.060
_cell.length_b   40.130
_cell.length_c   119.290
_cell.angle_alpha   90.00
_cell.angle_beta   92.47
_cell.angle_gamma   90.00
#
_symmetry.space_group_name_H-M   'C 1 2 1'
#
loop_
_entity.id
_entity.type
_entity.pdbx_description
1 polymer 'methyltransferase Plu4895'
2 non-polymer S-ADENOSYL-L-HOMOCYSTEINE
3 non-polymer 1,3,8-tris(oxidanyl)anthracene-9,10-dione
4 non-polymer 'IODIDE ION'
5 non-polymer 'CHLORIDE ION'
6 non-polymer 'SODIUM ION'
7 water water
#
_entity_poly.entity_id   1
_entity_poly.type   'polypeptide(L)'
_entity_poly.pdbx_seq_one_letter_code
;MRGSHHHHHHENLYFQGSMLIDLITSYRKTAAIYTFVDAGLSIHFKNGDYVDINKLASQYGIDYSRLNRLCDFLIEIGVL
VSSDHGVALSEECSALADPNSVEFLTVKYEINSEHWDSWLMYPKSLLENNGKSAFEMVHGKSFFEHLDSNKGLKSDFDAL
MSKYTNKIIKELLVIYDFDKHNRILDLGGGDGELLIRISEQVKGKDYTVLDRYNEVPISEGINFIKGDFFKPIPTGYDLY
ILKNVLHNWPDNDAISILKNCREAMDNNATLLIITLMKKPQSLVVKSVDILMDMLFSAKQRYLSEFEDIANQAGLVIRHY
KDLDEIFSLIELKVK
;
_entity_poly.pdbx_strand_id   A,B
#
loop_
_chem_comp.id
_chem_comp.type
_chem_comp.name
_chem_comp.formula
CL non-polymer 'CHLORIDE ION' 'Cl -1'
IOD non-polymer 'IODIDE ION' 'I -1'
NA non-polymer 'SODIUM ION' 'Na 1'
QOI non-polymer 1,3,8-tris(oxidanyl)anthracene-9,10-dione 'C14 H8 O5'
SAH non-polymer S-ADENOSYL-L-HOMOCYSTEINE 'C14 H20 N6 O5 S'
#
# COMPACT_ATOMS: atom_id res chain seq x y z
N PHE A 15 15.93 8.48 6.44
CA PHE A 15 15.13 7.39 7.09
C PHE A 15 15.59 7.14 8.53
N GLN A 16 16.53 7.96 9.05
CA GLN A 16 16.92 8.00 10.48
C GLN A 16 17.38 6.62 10.97
N GLY A 17 18.52 6.12 10.49
CA GLY A 17 19.20 4.94 11.06
C GLY A 17 18.55 3.63 10.66
N SER A 18 17.26 3.44 11.00
CA SER A 18 16.47 2.23 10.67
C SER A 18 15.36 2.59 9.67
N MET A 19 15.44 2.03 8.45
CA MET A 19 14.65 2.41 7.26
C MET A 19 13.67 1.29 6.85
N LEU A 20 13.95 0.04 7.23
CA LEU A 20 13.14 -1.15 6.82
C LEU A 20 11.68 -0.96 7.26
N ILE A 21 11.47 -0.47 8.49
CA ILE A 21 10.10 -0.26 9.07
C ILE A 21 9.40 0.85 8.27
N ASP A 22 10.14 1.92 7.93
CA ASP A 22 9.61 3.08 7.16
C ASP A 22 9.18 2.60 5.76
N LEU A 23 9.92 1.66 5.16
CA LEU A 23 9.55 1.04 3.86
C LEU A 23 8.24 0.26 4.02
N ILE A 24 8.10 -0.51 5.10
CA ILE A 24 6.93 -1.39 5.36
C ILE A 24 5.67 -0.53 5.58
N THR A 25 5.74 0.47 6.47
CA THR A 25 4.59 1.29 6.90
C THR A 25 4.19 2.31 5.81
N SER A 26 5.12 2.66 4.92
CA SER A 26 4.99 3.78 3.93
C SER A 26 3.81 3.56 2.97
N TYR A 27 3.21 2.36 2.93
CA TYR A 27 1.95 2.10 2.19
C TYR A 27 0.82 2.94 2.79
N ARG A 28 0.92 3.28 4.09
CA ARG A 28 -0.04 4.16 4.81
C ARG A 28 -0.06 5.55 4.17
N LYS A 29 1.11 6.06 3.74
CA LYS A 29 1.26 7.36 3.03
C LYS A 29 0.45 7.32 1.74
N THR A 30 0.60 6.25 0.96
CA THR A 30 -0.19 5.97 -0.28
C THR A 30 -1.68 5.98 0.06
N ALA A 31 -2.06 5.22 1.09
CA ALA A 31 -3.46 5.04 1.56
C ALA A 31 -4.09 6.39 1.88
N ALA A 32 -3.37 7.27 2.58
CA ALA A 32 -3.86 8.59 3.05
C ALA A 32 -4.08 9.53 1.85
N ILE A 33 -3.11 9.56 0.93
CA ILE A 33 -3.18 10.35 -0.34
C ILE A 33 -4.39 9.86 -1.15
N TYR A 34 -4.60 8.54 -1.21
CA TYR A 34 -5.69 7.88 -1.99
C TYR A 34 -7.06 8.33 -1.47
N THR A 35 -7.23 8.37 -0.14
CA THR A 35 -8.51 8.72 0.53
C THR A 35 -8.83 10.19 0.22
N PHE A 36 -7.82 11.06 0.39
CA PHE A 36 -7.86 12.51 0.07
C PHE A 36 -8.38 12.73 -1.35
N VAL A 37 -7.89 11.93 -2.31
CA VAL A 37 -8.27 12.01 -3.75
C VAL A 37 -9.64 11.36 -3.95
N ASP A 38 -9.77 10.08 -3.57
CA ASP A 38 -10.98 9.24 -3.81
C ASP A 38 -12.22 9.93 -3.23
N ALA A 39 -12.11 10.51 -2.02
CA ALA A 39 -13.21 11.21 -1.31
C ALA A 39 -13.64 12.46 -2.10
N GLY A 40 -12.73 12.99 -2.92
CA GLY A 40 -13.01 14.08 -3.89
C GLY A 40 -12.69 15.45 -3.32
N LEU A 41 -11.79 15.51 -2.34
CA LEU A 41 -11.45 16.74 -1.57
C LEU A 41 -10.24 17.44 -2.21
N SER A 42 -9.39 16.69 -2.91
CA SER A 42 -8.13 17.18 -3.55
C SER A 42 -8.43 18.35 -4.48
N ILE A 43 -9.61 18.36 -5.11
CA ILE A 43 -10.05 19.33 -6.15
C ILE A 43 -10.12 20.76 -5.59
N HIS A 44 -10.44 20.93 -4.30
CA HIS A 44 -10.70 22.24 -3.65
C HIS A 44 -9.40 22.96 -3.28
N PHE A 45 -8.24 22.36 -3.57
CA PHE A 45 -6.89 22.88 -3.20
C PHE A 45 -6.16 23.35 -4.46
N LYS A 46 -6.90 23.88 -5.44
CA LYS A 46 -6.38 24.40 -6.73
C LYS A 46 -5.70 25.75 -6.50
N ASN A 47 -4.58 25.99 -7.18
CA ASN A 47 -3.85 27.28 -7.24
C ASN A 47 -3.28 27.62 -5.85
N GLY A 48 -2.91 26.61 -5.07
CA GLY A 48 -2.31 26.75 -3.73
C GLY A 48 -3.24 27.48 -2.76
N ASP A 49 -4.56 27.33 -2.94
CA ASP A 49 -5.60 27.95 -2.08
C ASP A 49 -5.60 27.26 -0.72
N TYR A 50 -5.76 28.05 0.35
CA TYR A 50 -5.91 27.58 1.76
C TYR A 50 -7.40 27.38 2.05
N VAL A 51 -7.81 26.13 2.32
CA VAL A 51 -9.23 25.73 2.54
C VAL A 51 -9.47 25.54 4.04
N ASP A 52 -10.63 25.98 4.52
CA ASP A 52 -11.14 25.71 5.90
C ASP A 52 -11.75 24.30 5.90
N ILE A 53 -11.21 23.40 6.73
CA ILE A 53 -11.56 21.95 6.74
C ILE A 53 -13.02 21.78 7.18
N ASN A 54 -13.49 22.60 8.13
CA ASN A 54 -14.88 22.55 8.67
C ASN A 54 -15.89 22.78 7.54
N LYS A 55 -15.72 23.86 6.78
CA LYS A 55 -16.57 24.17 5.59
C LYS A 55 -16.47 23.00 4.61
N LEU A 56 -15.26 22.52 4.33
CA LEU A 56 -14.99 21.38 3.41
C LEU A 56 -15.71 20.13 3.93
N ALA A 57 -15.53 19.82 5.22
CA ALA A 57 -16.18 18.70 5.94
C ALA A 57 -17.70 18.84 5.85
N SER A 58 -18.21 20.06 5.99
CA SER A 58 -19.67 20.40 5.98
C SER A 58 -20.27 20.22 4.59
N GLN A 59 -19.48 20.37 3.52
CA GLN A 59 -19.94 20.22 2.12
C GLN A 59 -20.24 18.74 1.83
N TYR A 60 -19.27 17.87 2.13
CA TYR A 60 -19.26 16.42 1.75
C TYR A 60 -19.92 15.57 2.84
N GLY A 61 -20.32 16.18 3.96
CA GLY A 61 -21.04 15.53 5.07
C GLY A 61 -20.13 14.61 5.86
N ILE A 62 -18.84 14.94 5.97
CA ILE A 62 -17.82 14.19 6.74
C ILE A 62 -17.69 14.85 8.12
N ASP A 63 -17.34 14.07 9.14
CA ASP A 63 -17.06 14.57 10.51
C ASP A 63 -15.78 15.41 10.46
N TYR A 64 -15.81 16.60 11.07
CA TYR A 64 -14.68 17.58 11.08
C TYR A 64 -13.44 16.95 11.71
N SER A 65 -13.60 16.30 12.87
CA SER A 65 -12.51 15.71 13.68
C SER A 65 -11.71 14.72 12.83
N ARG A 66 -12.39 13.75 12.20
CA ARG A 66 -11.78 12.69 11.36
C ARG A 66 -11.00 13.32 10.19
N LEU A 67 -11.61 14.31 9.51
CA LEU A 67 -11.02 14.99 8.33
C LEU A 67 -9.85 15.87 8.78
N ASN A 68 -10.00 16.57 9.91
CA ASN A 68 -8.93 17.40 10.52
C ASN A 68 -7.73 16.51 10.87
N ARG A 69 -7.99 15.30 11.38
CA ARG A 69 -6.95 14.30 11.79
C ARG A 69 -6.23 13.76 10.54
N LEU A 70 -6.96 13.40 9.49
CA LEU A 70 -6.38 12.93 8.20
C LEU A 70 -5.43 13.99 7.65
N CYS A 71 -5.84 15.26 7.69
CA CYS A 71 -5.00 16.42 7.29
C CYS A 71 -3.70 16.42 8.09
N ASP A 72 -3.78 16.34 9.42
CA ASP A 72 -2.62 16.34 10.34
C ASP A 72 -1.56 15.32 9.85
N PHE A 73 -1.99 14.14 9.40
CA PHE A 73 -1.10 13.07 8.88
C PHE A 73 -0.52 13.52 7.52
N LEU A 74 -1.36 14.09 6.65
CA LEU A 74 -0.95 14.59 5.31
C LEU A 74 -0.01 15.78 5.44
N ILE A 75 -0.11 16.57 6.52
CA ILE A 75 0.80 17.71 6.82
C ILE A 75 2.17 17.16 7.21
N GLU A 76 2.20 16.14 8.08
CA GLU A 76 3.45 15.51 8.61
C GLU A 76 4.29 14.94 7.46
N ILE A 77 3.66 14.19 6.56
CA ILE A 77 4.33 13.50 5.42
C ILE A 77 4.70 14.52 4.34
N GLY A 78 4.08 15.70 4.36
CA GLY A 78 4.48 16.88 3.56
C GLY A 78 3.57 17.11 2.36
N VAL A 79 2.42 16.45 2.31
CA VAL A 79 1.40 16.60 1.22
C VAL A 79 0.67 17.93 1.40
N LEU A 80 0.30 18.28 2.64
CA LEU A 80 -0.46 19.51 2.98
C LEU A 80 0.41 20.48 3.79
N VAL A 81 -0.03 21.74 3.87
CA VAL A 81 0.63 22.87 4.60
C VAL A 81 -0.41 23.58 5.46
N SER A 82 0.00 24.07 6.64
CA SER A 82 -0.88 24.61 7.70
C SER A 82 -0.86 26.15 7.69
N SER A 83 -2.03 26.77 7.77
CA SER A 83 -2.24 28.23 7.93
C SER A 83 -3.04 28.52 9.21
N ASP A 84 -3.13 29.79 9.60
CA ASP A 84 -3.92 30.26 10.77
C ASP A 84 -5.42 30.09 10.48
N HIS A 85 -5.83 30.24 9.21
CA HIS A 85 -7.25 30.14 8.75
C HIS A 85 -7.55 28.71 8.29
N GLY A 86 -6.77 28.18 7.33
CA GLY A 86 -7.08 26.92 6.62
C GLY A 86 -5.85 26.07 6.34
N VAL A 87 -5.98 25.12 5.41
CA VAL A 87 -4.92 24.15 4.98
C VAL A 87 -4.86 24.16 3.45
N ALA A 88 -3.65 24.12 2.88
CA ALA A 88 -3.40 24.10 1.42
C ALA A 88 -2.48 22.92 1.06
N LEU A 89 -2.41 22.58 -0.23
CA LEU A 89 -1.42 21.61 -0.78
C LEU A 89 -0.04 22.28 -0.79
N SER A 90 1.02 21.49 -0.59
CA SER A 90 2.43 21.95 -0.64
C SER A 90 2.84 22.21 -2.09
N GLU A 91 4.00 22.83 -2.29
CA GLU A 91 4.61 23.12 -3.61
C GLU A 91 4.71 21.82 -4.45
N GLU A 92 5.26 20.76 -3.87
CA GLU A 92 5.64 19.52 -4.59
C GLU A 92 4.41 18.64 -4.86
N CYS A 93 3.32 18.85 -4.13
CA CYS A 93 2.09 18.00 -4.18
C CYS A 93 0.92 18.78 -4.81
N SER A 94 1.21 19.91 -5.47
CA SER A 94 0.21 20.77 -6.17
C SER A 94 -0.62 19.95 -7.15
N ALA A 95 0.00 18.98 -7.82
CA ALA A 95 -0.58 18.16 -8.91
C ALA A 95 -1.77 17.33 -8.40
N LEU A 96 -1.97 17.22 -7.08
CA LEU A 96 -3.11 16.49 -6.47
C LEU A 96 -4.43 17.26 -6.73
N ALA A 97 -4.36 18.58 -6.89
CA ALA A 97 -5.52 19.46 -7.19
C ALA A 97 -5.94 19.29 -8.66
N ASP A 98 -4.99 19.00 -9.55
CA ASP A 98 -5.20 18.90 -11.03
C ASP A 98 -5.73 17.52 -11.38
N PRO A 99 -7.00 17.39 -11.85
CA PRO A 99 -7.57 16.08 -12.20
C PRO A 99 -6.97 15.46 -13.46
N ASN A 100 -6.18 16.22 -14.22
CA ASN A 100 -5.50 15.78 -15.47
C ASN A 100 -3.98 15.84 -15.28
N SER A 101 -3.50 15.40 -14.12
CA SER A 101 -2.04 15.25 -13.81
C SER A 101 -1.70 13.76 -13.67
N VAL A 102 -0.45 13.40 -13.93
CA VAL A 102 0.06 11.99 -13.88
C VAL A 102 -0.10 11.46 -12.44
N GLU A 103 0.07 12.30 -11.42
CA GLU A 103 -0.01 11.92 -9.99
C GLU A 103 -1.46 11.54 -9.65
N PHE A 104 -2.42 12.42 -9.94
CA PHE A 104 -3.88 12.23 -9.69
C PHE A 104 -4.37 10.97 -10.40
N LEU A 105 -3.97 10.78 -11.67
CA LEU A 105 -4.44 9.66 -12.53
C LEU A 105 -3.80 8.35 -12.07
N THR A 106 -2.54 8.38 -11.63
CA THR A 106 -1.82 7.21 -11.04
C THR A 106 -2.64 6.69 -9.86
N VAL A 107 -2.98 7.57 -8.91
CA VAL A 107 -3.82 7.25 -7.71
C VAL A 107 -5.11 6.59 -8.20
N LYS A 108 -5.81 7.27 -9.11
CA LYS A 108 -7.17 6.91 -9.60
C LYS A 108 -7.17 5.49 -10.20
N TYR A 109 -6.15 5.15 -10.98
CA TYR A 109 -6.04 3.85 -11.70
C TYR A 109 -5.48 2.77 -10.78
N GLU A 110 -4.35 3.05 -10.13
CA GLU A 110 -3.49 2.03 -9.47
C GLU A 110 -4.01 1.65 -8.08
N ILE A 111 -4.42 2.62 -7.25
CA ILE A 111 -4.80 2.36 -5.82
C ILE A 111 -6.26 1.91 -5.77
N ASN A 112 -6.50 0.60 -5.86
CA ASN A 112 -7.85 -0.03 -5.84
C ASN A 112 -7.69 -1.54 -5.58
N SER A 113 -8.81 -2.25 -5.44
CA SER A 113 -8.87 -3.72 -5.19
C SER A 113 -8.15 -4.47 -6.31
N GLU A 114 -8.30 -4.00 -7.56
CA GLU A 114 -7.77 -4.67 -8.79
C GLU A 114 -6.26 -4.87 -8.66
N HIS A 115 -5.53 -3.88 -8.13
CA HIS A 115 -4.06 -3.91 -7.92
C HIS A 115 -3.71 -4.45 -6.53
N TRP A 116 -4.31 -3.88 -5.47
CA TRP A 116 -3.92 -4.13 -4.06
C TRP A 116 -4.22 -5.57 -3.65
N ASP A 117 -5.37 -6.13 -4.04
CA ASP A 117 -5.77 -7.53 -3.71
C ASP A 117 -4.94 -8.51 -4.55
N SER A 118 -4.54 -8.12 -5.77
CA SER A 118 -3.66 -8.91 -6.67
C SER A 118 -2.24 -8.95 -6.08
N TRP A 119 -1.80 -7.85 -5.46
CA TRP A 119 -0.50 -7.77 -4.74
C TRP A 119 -0.46 -8.77 -3.58
N LEU A 120 -1.53 -8.88 -2.80
CA LEU A 120 -1.65 -9.81 -1.65
C LEU A 120 -1.65 -11.26 -2.15
N MET A 121 -2.04 -11.51 -3.41
CA MET A 121 -2.07 -12.85 -4.05
C MET A 121 -0.73 -13.15 -4.74
N TYR A 122 0.12 -12.15 -4.99
CA TYR A 122 1.35 -12.28 -5.81
C TYR A 122 2.24 -13.38 -5.23
N PRO A 123 2.52 -13.44 -3.91
CA PRO A 123 3.38 -14.49 -3.37
C PRO A 123 2.82 -15.90 -3.58
N LYS A 124 1.50 -16.05 -3.51
CA LYS A 124 0.78 -17.35 -3.77
C LYS A 124 0.96 -17.74 -5.24
N SER A 125 0.96 -16.76 -6.16
CA SER A 125 1.11 -16.98 -7.63
C SER A 125 2.55 -17.40 -7.96
N LEU A 126 3.54 -16.97 -7.17
CA LEU A 126 4.97 -17.35 -7.33
C LEU A 126 5.15 -18.83 -6.98
N LEU A 127 4.47 -19.29 -5.92
CA LEU A 127 4.58 -20.68 -5.39
C LEU A 127 3.75 -21.62 -6.26
N GLU A 128 2.56 -21.18 -6.69
CA GLU A 128 1.66 -21.92 -7.62
C GLU A 128 2.05 -21.57 -9.06
N ASN A 129 3.08 -22.23 -9.60
CA ASN A 129 3.52 -22.07 -11.01
C ASN A 129 2.48 -22.73 -11.92
N ASN A 130 1.59 -21.91 -12.48
CA ASN A 130 0.50 -22.33 -13.42
C ASN A 130 0.23 -21.18 -14.39
N GLY A 131 -0.72 -21.35 -15.31
CA GLY A 131 -1.09 -20.36 -16.33
C GLY A 131 -1.74 -19.11 -15.75
N LYS A 132 -2.18 -19.17 -14.48
CA LYS A 132 -2.93 -18.07 -13.79
C LYS A 132 -1.94 -17.01 -13.31
N SER A 133 -2.22 -15.74 -13.61
CA SER A 133 -1.55 -14.55 -12.99
C SER A 133 -2.17 -14.30 -11.62
N ALA A 134 -1.50 -13.52 -10.76
CA ALA A 134 -1.99 -13.13 -9.42
C ALA A 134 -3.37 -12.47 -9.55
N PHE A 135 -3.57 -11.65 -10.60
CA PHE A 135 -4.85 -10.95 -10.87
C PHE A 135 -5.95 -11.97 -11.17
N GLU A 136 -5.70 -12.91 -12.09
CA GLU A 136 -6.70 -13.92 -12.52
C GLU A 136 -7.06 -14.82 -11.33
N MET A 137 -6.10 -15.12 -10.47
CA MET A 137 -6.29 -15.94 -9.24
C MET A 137 -7.31 -15.25 -8.31
N VAL A 138 -7.35 -13.92 -8.30
CA VAL A 138 -8.33 -13.12 -7.50
C VAL A 138 -9.65 -13.05 -8.27
N HIS A 139 -9.64 -12.41 -9.45
CA HIS A 139 -10.85 -11.93 -10.18
C HIS A 139 -11.49 -13.08 -10.99
N GLY A 140 -10.74 -14.15 -11.29
CA GLY A 140 -11.23 -15.29 -12.08
C GLY A 140 -11.46 -14.92 -13.53
N LYS A 141 -10.84 -13.83 -13.98
CA LYS A 141 -10.93 -13.27 -15.37
C LYS A 141 -9.57 -12.68 -15.73
N SER A 142 -9.35 -12.36 -17.01
CA SER A 142 -8.14 -11.62 -17.49
C SER A 142 -8.27 -10.15 -17.07
N PHE A 143 -7.14 -9.44 -16.98
CA PHE A 143 -7.08 -8.00 -16.63
C PHE A 143 -7.96 -7.20 -17.59
N PHE A 144 -7.76 -7.37 -18.90
CA PHE A 144 -8.44 -6.62 -19.98
C PHE A 144 -9.91 -7.07 -20.10
N GLU A 145 -10.18 -8.35 -19.84
CA GLU A 145 -11.56 -8.90 -19.78
C GLU A 145 -12.32 -8.19 -18.66
N HIS A 146 -11.67 -7.93 -17.53
CA HIS A 146 -12.22 -7.22 -16.35
C HIS A 146 -12.39 -5.72 -16.68
N LEU A 147 -11.43 -5.11 -17.39
CA LEU A 147 -11.47 -3.69 -17.81
C LEU A 147 -12.71 -3.44 -18.68
N ASP A 148 -12.95 -4.30 -19.68
CA ASP A 148 -14.06 -4.15 -20.66
C ASP A 148 -15.41 -4.27 -19.95
N SER A 149 -15.46 -4.97 -18.82
CA SER A 149 -16.68 -5.18 -17.98
C SER A 149 -16.87 -4.02 -16.99
N ASN A 150 -15.80 -3.24 -16.71
CA ASN A 150 -15.82 -2.11 -15.75
C ASN A 150 -15.51 -0.80 -16.51
N LYS A 151 -16.56 -0.03 -16.84
CA LYS A 151 -16.49 1.21 -17.65
C LYS A 151 -15.54 2.21 -16.99
N GLY A 152 -15.66 2.39 -15.66
CA GLY A 152 -14.95 3.42 -14.88
C GLY A 152 -13.43 3.26 -14.91
N LEU A 153 -12.94 2.03 -14.68
CA LEU A 153 -11.49 1.73 -14.59
C LEU A 153 -10.83 1.89 -15.96
N LYS A 154 -11.52 1.46 -17.04
CA LYS A 154 -11.01 1.53 -18.44
C LYS A 154 -10.74 3.00 -18.82
N SER A 155 -11.67 3.90 -18.51
CA SER A 155 -11.55 5.36 -18.76
C SER A 155 -10.42 5.94 -17.90
N ASP A 156 -10.22 5.41 -16.68
CA ASP A 156 -9.10 5.79 -15.78
C ASP A 156 -7.78 5.24 -16.32
N PHE A 157 -7.79 4.01 -16.83
CA PHE A 157 -6.63 3.35 -17.48
C PHE A 157 -6.17 4.17 -18.69
N ASP A 158 -7.09 4.41 -19.62
CA ASP A 158 -6.85 5.19 -20.87
C ASP A 158 -6.34 6.60 -20.51
N ALA A 159 -6.97 7.24 -19.53
CA ALA A 159 -6.67 8.62 -19.08
C ALA A 159 -5.20 8.71 -18.64
N LEU A 160 -4.72 7.72 -17.88
CA LEU A 160 -3.33 7.67 -17.34
C LEU A 160 -2.36 7.26 -18.48
N MET A 161 -2.76 6.34 -19.35
CA MET A 161 -1.98 5.94 -20.54
C MET A 161 -1.78 7.16 -21.45
N SER A 162 -2.83 7.96 -21.64
CA SER A 162 -2.82 9.21 -22.45
C SER A 162 -1.68 10.13 -22.00
N LYS A 163 -1.36 10.15 -20.69
CA LYS A 163 -0.27 10.96 -20.11
C LYS A 163 1.09 10.49 -20.64
N TYR A 164 1.31 9.16 -20.70
CA TYR A 164 2.61 8.54 -21.05
C TYR A 164 2.89 8.65 -22.56
N THR A 165 1.86 8.86 -23.38
CA THR A 165 2.00 9.10 -24.85
C THR A 165 2.38 10.57 -25.08
N ASN A 166 1.70 11.48 -24.38
CA ASN A 166 1.90 12.96 -24.48
C ASN A 166 3.34 13.34 -24.17
N LYS A 167 4.05 12.56 -23.33
CA LYS A 167 5.41 12.89 -22.85
C LYS A 167 6.47 12.48 -23.90
N ILE A 168 6.21 11.45 -24.71
CA ILE A 168 7.15 10.97 -25.78
C ILE A 168 6.86 11.70 -27.10
N ILE A 169 5.65 12.21 -27.27
CA ILE A 169 5.11 12.75 -28.56
C ILE A 169 6.06 13.82 -29.13
N LYS A 170 6.67 14.61 -28.25
CA LYS A 170 7.52 15.79 -28.59
C LYS A 170 8.77 15.33 -29.34
N GLU A 171 9.47 14.32 -28.80
CA GLU A 171 10.78 13.83 -29.30
C GLU A 171 10.59 12.67 -30.29
N LEU A 172 9.44 11.98 -30.25
CA LEU A 172 9.12 10.86 -31.17
C LEU A 172 9.11 11.36 -32.62
N LEU A 173 8.48 12.52 -32.85
CA LEU A 173 8.34 13.15 -34.19
C LEU A 173 9.70 13.65 -34.70
N VAL A 174 10.61 13.99 -33.78
CA VAL A 174 11.98 14.49 -34.09
C VAL A 174 12.82 13.32 -34.62
N ILE A 175 12.79 12.16 -33.96
CA ILE A 175 13.75 11.03 -34.18
C ILE A 175 13.23 10.09 -35.27
N TYR A 176 11.97 10.23 -35.70
CA TYR A 176 11.35 9.39 -36.75
C TYR A 176 10.54 10.25 -37.71
N ASP A 177 10.53 9.86 -39.00
CA ASP A 177 9.83 10.55 -40.11
C ASP A 177 8.52 9.81 -40.38
N PHE A 178 7.40 10.31 -39.82
CA PHE A 178 6.01 9.88 -40.11
C PHE A 178 5.54 10.56 -41.41
N ASP A 179 6.25 11.60 -41.86
CA ASP A 179 5.95 12.39 -43.08
C ASP A 179 6.08 11.52 -44.34
N LYS A 180 6.69 10.33 -44.22
CA LYS A 180 7.10 9.45 -45.34
C LYS A 180 6.22 8.19 -45.34
N HIS A 181 5.06 8.25 -44.66
CA HIS A 181 4.14 7.09 -44.48
C HIS A 181 2.72 7.50 -44.89
N ASN A 182 2.15 6.77 -45.87
CA ASN A 182 0.81 7.03 -46.46
C ASN A 182 -0.26 6.65 -45.41
N ARG A 183 -0.29 5.38 -45.01
CA ARG A 183 -1.28 4.80 -44.06
C ARG A 183 -0.55 4.32 -42.79
N ILE A 184 -1.16 4.54 -41.62
CA ILE A 184 -0.55 4.24 -40.28
C ILE A 184 -1.61 3.57 -39.39
N LEU A 185 -1.33 2.35 -38.91
CA LEU A 185 -2.23 1.54 -38.04
C LEU A 185 -1.59 1.36 -36.65
N ASP A 186 -2.30 1.79 -35.60
CA ASP A 186 -1.87 1.67 -34.18
C ASP A 186 -2.63 0.50 -33.52
N LEU A 187 -1.93 -0.61 -33.27
CA LEU A 187 -2.51 -1.86 -32.71
C LEU A 187 -2.50 -1.78 -31.17
N GLY A 188 -3.66 -2.00 -30.54
CA GLY A 188 -3.88 -1.78 -29.10
C GLY A 188 -3.60 -0.34 -28.72
N GLY A 189 -4.25 0.61 -29.39
CA GLY A 189 -4.01 2.06 -29.24
C GLY A 189 -4.99 2.72 -28.28
N GLY A 190 -6.04 2.01 -27.87
CA GLY A 190 -7.14 2.55 -27.05
C GLY A 190 -7.74 3.78 -27.69
N ASP A 191 -7.83 4.89 -26.94
CA ASP A 191 -7.99 6.25 -27.51
C ASP A 191 -6.72 6.57 -28.32
N GLY A 192 -6.86 7.08 -29.53
CA GLY A 192 -5.74 7.25 -30.48
C GLY A 192 -4.81 8.38 -30.06
N GLU A 193 -4.52 8.49 -28.76
CA GLU A 193 -3.78 9.65 -28.19
C GLU A 193 -2.42 9.79 -28.88
N LEU A 194 -1.77 8.66 -29.19
CA LEU A 194 -0.49 8.64 -29.95
C LEU A 194 -0.72 9.23 -31.34
N LEU A 195 -1.77 8.80 -32.04
CA LEU A 195 -2.09 9.24 -33.43
C LEU A 195 -2.68 10.65 -33.41
N ILE A 196 -3.54 10.95 -32.45
CA ILE A 196 -4.21 12.29 -32.28
C ILE A 196 -3.14 13.37 -32.17
N ARG A 197 -2.13 13.15 -31.33
CA ARG A 197 -1.03 14.12 -31.06
C ARG A 197 -0.08 14.17 -32.26
N ILE A 198 0.13 13.03 -32.94
CA ILE A 198 0.97 12.92 -34.16
C ILE A 198 0.25 13.63 -35.33
N SER A 199 -1.05 13.38 -35.48
CA SER A 199 -1.92 13.95 -36.55
C SER A 199 -1.87 15.49 -36.50
N GLU A 200 -1.87 16.08 -35.31
CA GLU A 200 -1.80 17.55 -35.08
C GLU A 200 -0.56 18.13 -35.76
N GLN A 201 0.57 17.41 -35.70
CA GLN A 201 1.87 17.86 -36.25
C GLN A 201 1.98 17.43 -37.72
N VAL A 202 1.91 16.11 -37.99
CA VAL A 202 1.99 15.50 -39.35
C VAL A 202 0.56 15.38 -39.89
N LYS A 203 0.09 16.41 -40.61
CA LYS A 203 -1.30 16.51 -41.13
C LYS A 203 -1.40 15.86 -42.51
N GLY A 204 -2.60 15.41 -42.88
CA GLY A 204 -2.94 14.92 -44.24
C GLY A 204 -2.42 13.51 -44.48
N LYS A 205 -2.78 12.56 -43.61
CA LYS A 205 -2.41 11.13 -43.72
C LYS A 205 -3.53 10.25 -43.13
N ASP A 206 -3.48 8.94 -43.38
CA ASP A 206 -4.50 7.95 -42.94
C ASP A 206 -4.08 7.36 -41.58
N TYR A 207 -4.77 7.77 -40.50
CA TYR A 207 -4.53 7.33 -39.10
C TYR A 207 -5.63 6.38 -38.65
N THR A 208 -5.25 5.16 -38.26
CA THR A 208 -6.16 4.07 -37.88
C THR A 208 -5.78 3.51 -36.50
N VAL A 209 -6.76 3.23 -35.66
CA VAL A 209 -6.58 2.66 -34.29
C VAL A 209 -7.42 1.38 -34.17
N LEU A 210 -6.75 0.23 -33.96
CA LEU A 210 -7.39 -1.09 -33.72
C LEU A 210 -7.26 -1.42 -32.23
N ASP A 211 -8.39 -1.73 -31.58
CA ASP A 211 -8.46 -2.09 -30.13
C ASP A 211 -9.86 -2.64 -29.82
N ARG A 212 -10.00 -3.35 -28.70
CA ARG A 212 -11.30 -3.86 -28.18
C ARG A 212 -12.08 -2.71 -27.55
N TYR A 213 -13.08 -2.19 -28.25
CA TYR A 213 -14.03 -1.14 -27.76
C TYR A 213 -15.43 -1.76 -27.62
N ASN A 214 -15.99 -1.73 -26.41
CA ASN A 214 -17.42 -2.05 -26.15
C ASN A 214 -18.28 -0.91 -26.72
N GLU A 215 -17.79 0.32 -26.54
CA GLU A 215 -18.33 1.56 -27.18
C GLU A 215 -17.17 2.29 -27.86
N VAL A 216 -17.31 2.57 -29.17
CA VAL A 216 -16.22 3.09 -30.05
C VAL A 216 -16.02 4.57 -29.75
N PRO A 217 -14.76 5.06 -29.67
CA PRO A 217 -14.48 6.48 -29.54
C PRO A 217 -14.28 7.13 -30.91
N ILE A 218 -14.36 8.46 -31.00
CA ILE A 218 -14.22 9.22 -32.29
C ILE A 218 -13.40 10.50 -32.05
N SER A 219 -12.53 10.84 -33.02
CA SER A 219 -11.69 12.06 -33.05
C SER A 219 -11.40 12.42 -34.52
N GLU A 220 -11.52 13.71 -34.87
CA GLU A 220 -11.45 14.20 -36.27
C GLU A 220 -10.14 13.72 -36.90
N GLY A 221 -10.24 12.93 -37.98
CA GLY A 221 -9.10 12.46 -38.80
C GLY A 221 -8.55 11.12 -38.34
N ILE A 222 -9.20 10.49 -37.34
CA ILE A 222 -8.78 9.17 -36.76
C ILE A 222 -9.90 8.16 -37.02
N ASN A 223 -9.56 7.01 -37.63
CA ASN A 223 -10.47 5.87 -37.91
C ASN A 223 -10.26 4.80 -36.85
N PHE A 224 -11.28 4.52 -36.03
CA PHE A 224 -11.20 3.59 -34.88
C PHE A 224 -11.76 2.21 -35.29
N ILE A 225 -10.89 1.34 -35.82
CA ILE A 225 -11.23 -0.08 -36.16
C ILE A 225 -11.52 -0.81 -34.86
N LYS A 226 -12.46 -1.74 -34.88
CA LYS A 226 -12.84 -2.60 -33.74
C LYS A 226 -12.53 -4.06 -34.09
N GLY A 227 -11.55 -4.66 -33.41
CA GLY A 227 -11.09 -6.04 -33.70
C GLY A 227 -10.19 -6.59 -32.61
N ASP A 228 -9.52 -7.72 -32.91
CA ASP A 228 -8.61 -8.47 -32.00
C ASP A 228 -7.31 -8.76 -32.75
N PHE A 229 -6.15 -8.41 -32.17
CA PHE A 229 -4.81 -8.50 -32.82
C PHE A 229 -4.22 -9.91 -32.69
N PHE A 230 -5.00 -10.87 -32.16
CA PHE A 230 -4.69 -12.32 -32.16
C PHE A 230 -5.20 -12.95 -33.47
N LYS A 231 -6.01 -12.20 -34.22
CA LYS A 231 -6.47 -12.56 -35.60
C LYS A 231 -5.59 -11.82 -36.60
N PRO A 232 -5.61 -12.21 -37.91
CA PRO A 232 -4.82 -11.51 -38.92
C PRO A 232 -5.14 -10.01 -38.96
N ILE A 233 -4.10 -9.18 -38.96
CA ILE A 233 -4.21 -7.69 -38.92
C ILE A 233 -4.38 -7.18 -40.35
N PRO A 234 -5.33 -6.25 -40.61
CA PRO A 234 -5.53 -5.72 -41.96
C PRO A 234 -4.24 -5.11 -42.54
N THR A 235 -3.92 -5.45 -43.80
CA THR A 235 -2.73 -4.95 -44.53
C THR A 235 -3.14 -3.69 -45.32
N GLY A 236 -2.19 -3.11 -46.06
CA GLY A 236 -2.35 -1.85 -46.79
C GLY A 236 -1.70 -0.69 -46.05
N TYR A 237 -1.17 -0.93 -44.85
CA TYR A 237 -0.48 0.08 -44.00
C TYR A 237 1.04 -0.07 -44.17
N ASP A 238 1.70 1.05 -44.43
CA ASP A 238 3.18 1.17 -44.56
C ASP A 238 3.81 1.15 -43.15
N LEU A 239 3.08 1.65 -42.15
CA LEU A 239 3.55 1.75 -40.74
C LEU A 239 2.54 1.11 -39.78
N TYR A 240 2.93 0.00 -39.16
CA TYR A 240 2.24 -0.64 -38.00
C TYR A 240 2.96 -0.18 -36.72
N ILE A 241 2.24 0.02 -35.62
CA ILE A 241 2.87 0.47 -34.34
C ILE A 241 2.20 -0.21 -33.14
N LEU A 242 3.03 -0.84 -32.30
CA LEU A 242 2.68 -1.46 -31.00
C LEU A 242 3.35 -0.66 -29.87
N LYS A 243 2.57 0.05 -29.08
CA LYS A 243 3.07 0.91 -27.96
C LYS A 243 2.52 0.38 -26.63
N ASN A 244 3.40 -0.10 -25.74
CA ASN A 244 3.06 -0.65 -24.40
C ASN A 244 1.99 -1.74 -24.56
N VAL A 245 2.23 -2.69 -25.47
CA VAL A 245 1.30 -3.82 -25.79
C VAL A 245 2.01 -5.15 -25.51
N LEU A 246 3.24 -5.32 -26.00
CA LEU A 246 4.02 -6.59 -25.90
C LEU A 246 4.32 -6.92 -24.43
N HIS A 247 4.49 -5.90 -23.58
CA HIS A 247 4.82 -6.03 -22.14
C HIS A 247 3.58 -6.50 -21.35
N ASN A 248 2.41 -6.55 -21.98
CA ASN A 248 1.13 -7.06 -21.38
C ASN A 248 0.99 -8.57 -21.61
N TRP A 249 1.94 -9.21 -22.30
CA TRP A 249 1.83 -10.61 -22.78
C TRP A 249 3.14 -11.36 -22.55
N PRO A 250 3.09 -12.69 -22.27
CA PRO A 250 4.28 -13.53 -22.29
C PRO A 250 4.73 -13.82 -23.73
N ASP A 251 5.75 -14.65 -23.90
CA ASP A 251 6.42 -14.92 -25.21
C ASP A 251 5.42 -15.56 -26.17
N ASN A 252 4.78 -16.66 -25.76
CA ASN A 252 3.80 -17.46 -26.56
C ASN A 252 2.73 -16.54 -27.16
N ASP A 253 2.22 -15.57 -26.40
CA ASP A 253 1.14 -14.63 -26.83
C ASP A 253 1.75 -13.45 -27.61
N ALA A 254 2.89 -12.93 -27.16
CA ALA A 254 3.57 -11.74 -27.72
C ALA A 254 4.10 -12.04 -29.14
N ILE A 255 4.76 -13.19 -29.31
CA ILE A 255 5.31 -13.68 -30.61
C ILE A 255 4.16 -13.90 -31.60
N SER A 256 3.00 -14.36 -31.10
CA SER A 256 1.78 -14.62 -31.91
C SER A 256 1.22 -13.31 -32.48
N ILE A 257 1.37 -12.20 -31.74
CA ILE A 257 0.95 -10.83 -32.17
C ILE A 257 1.89 -10.36 -33.29
N LEU A 258 3.21 -10.57 -33.12
CA LEU A 258 4.25 -10.14 -34.09
C LEU A 258 4.16 -10.95 -35.38
N LYS A 259 3.75 -12.23 -35.29
CA LYS A 259 3.43 -13.10 -36.46
C LYS A 259 2.36 -12.41 -37.31
N ASN A 260 1.32 -11.88 -36.67
CA ASN A 260 0.17 -11.23 -37.35
C ASN A 260 0.61 -9.89 -37.96
N CYS A 261 1.58 -9.20 -37.34
CA CYS A 261 2.23 -7.98 -37.89
C CYS A 261 3.08 -8.37 -39.10
N ARG A 262 3.95 -9.38 -38.93
CA ARG A 262 4.84 -9.92 -40.00
C ARG A 262 3.98 -10.46 -41.15
N GLU A 263 2.87 -11.13 -40.83
CA GLU A 263 1.94 -11.71 -41.83
C GLU A 263 1.22 -10.58 -42.59
N ALA A 264 1.16 -9.36 -42.06
CA ALA A 264 0.37 -8.25 -42.63
C ALA A 264 1.27 -7.20 -43.31
N MET A 265 2.60 -7.30 -43.15
CA MET A 265 3.57 -6.30 -43.68
C MET A 265 4.22 -6.83 -44.96
N ASP A 266 3.83 -6.29 -46.11
CA ASP A 266 4.57 -6.41 -47.39
C ASP A 266 5.87 -5.62 -47.25
N ASN A 267 7.01 -6.17 -47.70
CA ASN A 267 8.34 -5.51 -47.65
C ASN A 267 8.21 -4.08 -48.19
N ASN A 268 9.06 -3.17 -47.71
CA ASN A 268 8.97 -1.69 -47.92
C ASN A 268 8.17 -1.07 -46.77
N ALA A 269 7.58 -1.88 -45.88
CA ALA A 269 6.78 -1.46 -44.71
C ALA A 269 7.58 -1.68 -43.42
N THR A 270 7.17 -1.01 -42.34
CA THR A 270 7.85 -1.03 -41.01
C THR A 270 6.82 -1.24 -39.89
N LEU A 271 7.21 -1.97 -38.84
CA LEU A 271 6.46 -2.11 -37.57
C LEU A 271 7.21 -1.33 -36.49
N LEU A 272 6.55 -0.35 -35.86
CA LEU A 272 7.10 0.45 -34.74
C LEU A 272 6.71 -0.20 -33.42
N ILE A 273 7.66 -0.38 -32.51
CA ILE A 273 7.45 -0.93 -31.13
C ILE A 273 8.05 0.05 -30.12
N ILE A 274 7.20 0.67 -29.30
CA ILE A 274 7.59 1.62 -28.21
C ILE A 274 7.24 0.95 -26.87
N THR A 275 8.23 0.74 -26.01
CA THR A 275 8.07 0.03 -24.71
C THR A 275 9.08 0.55 -23.69
N LEU A 276 8.84 0.28 -22.40
CA LEU A 276 9.80 0.52 -21.30
C LEU A 276 10.89 -0.56 -21.36
N MET A 277 11.91 -0.31 -22.17
CA MET A 277 13.12 -1.17 -22.31
C MET A 277 13.81 -1.29 -20.95
N LYS A 278 14.02 -2.52 -20.47
CA LYS A 278 14.69 -2.78 -19.17
C LYS A 278 16.18 -2.46 -19.31
N LYS A 279 16.67 -1.55 -18.46
CA LYS A 279 18.11 -1.20 -18.32
C LYS A 279 18.61 -1.81 -17.01
N PRO A 280 19.95 -1.93 -16.81
CA PRO A 280 20.48 -2.61 -15.62
C PRO A 280 20.02 -2.03 -14.28
N GLN A 281 19.72 -0.72 -14.26
CA GLN A 281 19.52 0.07 -13.01
C GLN A 281 18.43 1.13 -13.23
N SER A 282 17.15 0.72 -13.22
CA SER A 282 15.96 1.61 -13.34
C SER A 282 14.85 1.18 -12.38
N LEU A 283 14.61 1.99 -11.35
CA LEU A 283 13.53 1.82 -10.34
C LEU A 283 12.16 1.77 -11.04
N VAL A 284 11.92 2.66 -12.02
CA VAL A 284 10.62 2.79 -12.74
C VAL A 284 10.31 1.48 -13.48
N VAL A 285 11.21 1.04 -14.37
CA VAL A 285 10.97 -0.13 -15.28
C VAL A 285 10.83 -1.39 -14.41
N LYS A 286 11.71 -1.56 -13.42
CA LYS A 286 11.74 -2.75 -12.53
C LYS A 286 10.40 -2.85 -11.80
N SER A 287 9.91 -1.73 -11.23
CA SER A 287 8.59 -1.63 -10.55
C SER A 287 7.47 -2.09 -11.49
N VAL A 288 7.47 -1.58 -12.72
CA VAL A 288 6.43 -1.87 -13.77
C VAL A 288 6.54 -3.34 -14.18
N ASP A 289 7.76 -3.89 -14.22
CA ASP A 289 8.06 -5.29 -14.61
C ASP A 289 7.38 -6.27 -13.63
N ILE A 290 7.47 -6.02 -12.32
CA ILE A 290 6.82 -6.87 -11.28
C ILE A 290 5.30 -6.71 -11.42
N LEU A 291 4.85 -5.50 -11.76
CA LEU A 291 3.43 -5.18 -12.05
C LEU A 291 2.92 -6.06 -13.19
N MET A 292 3.67 -6.15 -14.29
CA MET A 292 3.29 -6.95 -15.49
C MET A 292 3.16 -8.43 -15.10
N ASP A 293 4.16 -8.96 -14.39
CA ASP A 293 4.16 -10.35 -13.86
C ASP A 293 2.89 -10.58 -13.05
N MET A 294 2.56 -9.65 -12.15
CA MET A 294 1.41 -9.76 -11.21
C MET A 294 0.10 -9.74 -12.00
N LEU A 295 -0.04 -8.82 -12.95
CA LEU A 295 -1.31 -8.54 -13.67
C LEU A 295 -1.53 -9.51 -14.83
N PHE A 296 -0.50 -9.77 -15.66
CA PHE A 296 -0.64 -10.50 -16.95
C PHE A 296 0.24 -11.75 -17.04
N SER A 297 1.10 -12.03 -16.04
CA SER A 297 2.19 -13.04 -16.12
C SER A 297 3.12 -12.70 -17.29
N ALA A 298 3.36 -11.40 -17.51
CA ALA A 298 4.18 -10.86 -18.61
C ALA A 298 5.48 -10.28 -18.02
N LYS A 299 6.20 -9.44 -18.78
CA LYS A 299 7.50 -8.86 -18.38
C LYS A 299 7.87 -7.69 -19.30
N GLN A 300 8.70 -6.77 -18.79
CA GLN A 300 9.51 -5.84 -19.63
C GLN A 300 10.68 -6.65 -20.18
N ARG A 301 11.28 -6.21 -21.29
CA ARG A 301 12.31 -6.99 -22.02
C ARG A 301 13.55 -6.13 -22.27
N TYR A 302 14.70 -6.80 -22.47
CA TYR A 302 15.96 -6.23 -22.99
C TYR A 302 15.90 -6.21 -24.51
N LEU A 303 16.82 -5.49 -25.16
CA LEU A 303 16.94 -5.39 -26.64
C LEU A 303 17.08 -6.80 -27.23
N SER A 304 17.88 -7.65 -26.58
CA SER A 304 18.18 -9.04 -27.00
C SER A 304 16.93 -9.92 -26.90
N GLU A 305 16.09 -9.68 -25.89
CA GLU A 305 14.81 -10.41 -25.68
C GLU A 305 13.84 -10.05 -26.82
N PHE A 306 13.81 -8.79 -27.24
CA PHE A 306 12.98 -8.27 -28.37
C PHE A 306 13.47 -8.88 -29.68
N GLU A 307 14.78 -8.82 -29.94
CA GLU A 307 15.42 -9.41 -31.16
C GLU A 307 15.05 -10.90 -31.24
N ASP A 308 15.06 -11.60 -30.11
CA ASP A 308 14.76 -13.06 -30.00
C ASP A 308 13.30 -13.31 -30.39
N ILE A 309 12.35 -12.59 -29.78
CA ILE A 309 10.88 -12.74 -30.06
C ILE A 309 10.59 -12.21 -31.48
N ALA A 310 11.29 -11.16 -31.92
CA ALA A 310 11.19 -10.61 -33.28
C ALA A 310 11.60 -11.69 -34.29
N ASN A 311 12.73 -12.36 -34.03
CA ASN A 311 13.30 -13.43 -34.88
C ASN A 311 12.34 -14.63 -34.94
N GLN A 312 11.56 -14.86 -33.88
CA GLN A 312 10.68 -16.06 -33.73
C GLN A 312 9.58 -16.02 -34.79
N ALA A 313 8.76 -14.96 -34.80
CA ALA A 313 7.72 -14.73 -35.82
C ALA A 313 8.40 -14.58 -37.19
N GLY A 314 9.44 -13.75 -37.27
CA GLY A 314 10.30 -13.57 -38.46
C GLY A 314 10.51 -12.11 -38.80
N LEU A 315 11.12 -11.35 -37.89
CA LEU A 315 11.33 -9.89 -38.02
C LEU A 315 12.79 -9.54 -37.72
N VAL A 316 13.26 -8.42 -38.26
CA VAL A 316 14.64 -7.88 -38.05
C VAL A 316 14.52 -6.39 -37.72
N ILE A 317 15.46 -5.87 -36.93
CA ILE A 317 15.48 -4.45 -36.46
C ILE A 317 16.40 -3.64 -37.39
N ARG A 318 15.86 -2.64 -38.10
CA ARG A 318 16.71 -1.71 -38.89
C ARG A 318 17.47 -0.78 -37.94
N HIS A 319 16.79 -0.23 -36.94
CA HIS A 319 17.39 0.70 -35.95
C HIS A 319 16.63 0.64 -34.62
N TYR A 320 17.36 0.83 -33.52
CA TYR A 320 16.84 0.99 -32.14
C TYR A 320 17.48 2.25 -31.53
N LYS A 321 16.68 3.10 -30.89
CA LYS A 321 17.15 4.33 -30.20
C LYS A 321 16.14 4.73 -29.12
N ASP A 322 16.59 5.44 -28.09
CA ASP A 322 15.79 5.80 -26.89
C ASP A 322 15.21 7.21 -27.06
N LEU A 323 13.92 7.38 -26.74
CA LEU A 323 13.18 8.67 -26.75
C LEU A 323 13.48 9.39 -25.43
N ASP A 324 13.26 8.69 -24.32
CA ASP A 324 13.53 9.14 -22.93
C ASP A 324 14.58 8.19 -22.32
N GLU A 325 14.87 8.35 -21.02
CA GLU A 325 15.77 7.45 -20.26
C GLU A 325 15.20 6.03 -20.25
N ILE A 326 13.87 5.94 -20.07
CA ILE A 326 13.09 4.68 -19.86
C ILE A 326 12.55 4.18 -21.20
N PHE A 327 12.00 5.06 -22.03
CA PHE A 327 11.30 4.73 -23.30
C PHE A 327 12.32 4.59 -24.44
N SER A 328 12.16 3.55 -25.25
CA SER A 328 13.01 3.25 -26.43
C SER A 328 12.14 2.80 -27.60
N LEU A 329 12.64 3.02 -28.83
CA LEU A 329 11.94 2.81 -30.11
C LEU A 329 12.70 1.76 -30.94
N ILE A 330 11.99 0.78 -31.48
CA ILE A 330 12.56 -0.33 -32.31
C ILE A 330 11.83 -0.38 -33.66
N GLU A 331 12.56 -0.18 -34.76
CA GLU A 331 12.06 -0.26 -36.16
C GLU A 331 12.22 -1.68 -36.67
N LEU A 332 11.12 -2.34 -37.05
CA LEU A 332 11.07 -3.80 -37.37
C LEU A 332 10.51 -4.00 -38.78
N LYS A 333 11.05 -4.99 -39.52
CA LYS A 333 10.69 -5.27 -40.95
C LYS A 333 10.67 -6.77 -41.21
N VAL A 334 9.82 -7.19 -42.16
CA VAL A 334 9.65 -8.60 -42.62
C VAL A 334 10.78 -8.92 -43.61
N LYS A 335 11.98 -9.24 -43.12
CA LYS A 335 13.08 -9.80 -43.95
C LYS A 335 12.72 -11.25 -44.30
N GLY B 17 6.00 16.32 -10.24
CA GLY B 17 7.32 16.35 -9.55
C GLY B 17 7.68 15.01 -8.94
N SER B 18 8.92 14.87 -8.44
CA SER B 18 9.54 13.60 -7.98
C SER B 18 8.91 13.11 -6.68
N MET B 19 8.69 13.99 -5.69
CA MET B 19 8.25 13.59 -4.32
C MET B 19 6.86 12.95 -4.37
N LEU B 20 5.88 13.64 -4.95
CA LEU B 20 4.44 13.24 -4.87
C LEU B 20 4.25 11.85 -5.48
N ILE B 21 4.87 11.56 -6.63
CA ILE B 21 4.68 10.26 -7.35
C ILE B 21 5.37 9.14 -6.56
N ASP B 22 6.50 9.43 -5.90
CA ASP B 22 7.25 8.46 -5.07
C ASP B 22 6.39 8.03 -3.87
N LEU B 23 5.72 8.98 -3.21
CA LEU B 23 4.79 8.73 -2.08
C LEU B 23 3.67 7.78 -2.55
N ILE B 24 3.16 8.01 -3.76
CA ILE B 24 1.98 7.27 -4.32
C ILE B 24 2.37 5.82 -4.65
N THR B 25 3.55 5.61 -5.25
CA THR B 25 3.98 4.30 -5.81
C THR B 25 4.75 3.47 -4.78
N SER B 26 5.09 4.05 -3.61
CA SER B 26 5.96 3.41 -2.59
C SER B 26 5.24 2.25 -1.89
N TYR B 27 3.92 2.09 -2.08
CA TYR B 27 3.15 0.91 -1.64
C TYR B 27 3.73 -0.35 -2.30
N ARG B 28 4.23 -0.22 -3.54
CA ARG B 28 4.89 -1.31 -4.30
C ARG B 28 6.11 -1.83 -3.53
N LYS B 29 6.82 -0.93 -2.83
CA LYS B 29 8.00 -1.27 -1.99
C LYS B 29 7.53 -2.18 -0.85
N THR B 30 6.47 -1.75 -0.13
CA THR B 30 5.77 -2.54 0.91
C THR B 30 5.34 -3.89 0.33
N ALA B 31 4.63 -3.86 -0.81
CA ALA B 31 4.04 -5.03 -1.48
C ALA B 31 5.14 -6.05 -1.81
N ALA B 32 6.30 -5.59 -2.29
CA ALA B 32 7.45 -6.42 -2.71
C ALA B 32 8.07 -7.10 -1.47
N ILE B 33 8.30 -6.34 -0.41
CA ILE B 33 8.88 -6.84 0.88
C ILE B 33 7.92 -7.89 1.46
N TYR B 34 6.60 -7.66 1.34
CA TYR B 34 5.55 -8.60 1.80
C TYR B 34 5.65 -9.94 1.05
N THR B 35 5.79 -9.90 -0.29
CA THR B 35 5.86 -11.11 -1.15
C THR B 35 7.07 -11.95 -0.74
N PHE B 36 8.21 -11.29 -0.52
CA PHE B 36 9.50 -11.88 -0.06
C PHE B 36 9.27 -12.66 1.23
N VAL B 37 8.70 -12.00 2.24
CA VAL B 37 8.46 -12.58 3.61
C VAL B 37 7.37 -13.65 3.51
N ASP B 38 6.22 -13.33 2.91
CA ASP B 38 5.02 -14.21 2.87
C ASP B 38 5.34 -15.53 2.16
N ALA B 39 6.13 -15.49 1.08
CA ALA B 39 6.52 -16.66 0.26
C ALA B 39 7.46 -17.58 1.04
N GLY B 40 8.14 -17.04 2.06
CA GLY B 40 8.99 -17.82 2.99
C GLY B 40 10.46 -17.77 2.63
N LEU B 41 10.85 -16.84 1.75
CA LEU B 41 12.24 -16.71 1.21
C LEU B 41 13.14 -16.04 2.26
N SER B 42 12.54 -15.28 3.18
CA SER B 42 13.22 -14.39 4.16
C SER B 42 14.16 -15.17 5.10
N ILE B 43 13.87 -16.44 5.40
CA ILE B 43 14.55 -17.21 6.49
C ILE B 43 15.98 -17.58 6.08
N HIS B 44 16.28 -17.64 4.77
CA HIS B 44 17.59 -18.12 4.23
C HIS B 44 18.60 -16.98 4.13
N PHE B 45 18.31 -15.81 4.70
CA PHE B 45 19.13 -14.57 4.56
C PHE B 45 19.63 -14.11 5.94
N LYS B 46 19.79 -15.04 6.88
CA LYS B 46 20.26 -14.76 8.26
C LYS B 46 21.78 -14.53 8.24
N ASN B 47 22.28 -13.73 9.19
CA ASN B 47 23.72 -13.53 9.47
C ASN B 47 24.45 -13.00 8.23
N GLY B 48 23.76 -12.20 7.41
CA GLY B 48 24.32 -11.56 6.19
C GLY B 48 24.74 -12.57 5.13
N ASP B 49 24.09 -13.73 5.08
CA ASP B 49 24.42 -14.84 4.15
C ASP B 49 24.01 -14.45 2.72
N TYR B 50 24.82 -14.85 1.73
CA TYR B 50 24.57 -14.65 0.28
C TYR B 50 23.97 -15.93 -0.32
N VAL B 51 22.78 -15.81 -0.92
CA VAL B 51 21.97 -16.95 -1.45
C VAL B 51 22.07 -16.97 -2.98
N ASP B 52 22.24 -18.17 -3.55
CA ASP B 52 22.17 -18.42 -5.01
C ASP B 52 20.69 -18.45 -5.42
N ILE B 53 20.24 -17.44 -6.17
CA ILE B 53 18.83 -17.25 -6.60
C ILE B 53 18.33 -18.53 -7.29
N ASN B 54 19.18 -19.16 -8.11
CA ASN B 54 18.84 -20.36 -8.92
C ASN B 54 18.41 -21.51 -8.00
N LYS B 55 19.23 -21.86 -7.00
CA LYS B 55 18.93 -22.97 -6.05
C LYS B 55 17.76 -22.56 -5.15
N LEU B 56 17.65 -21.27 -4.81
CA LEU B 56 16.55 -20.71 -4.00
C LEU B 56 15.22 -20.90 -4.76
N ALA B 57 15.20 -20.58 -6.06
CA ALA B 57 14.06 -20.79 -6.97
C ALA B 57 13.74 -22.28 -7.08
N SER B 58 14.78 -23.09 -7.34
CA SER B 58 14.70 -24.56 -7.53
C SER B 58 14.13 -25.23 -6.27
N GLN B 59 14.52 -24.74 -5.09
CA GLN B 59 14.10 -25.27 -3.76
C GLN B 59 12.60 -25.07 -3.56
N TYR B 60 12.10 -23.84 -3.79
CA TYR B 60 10.71 -23.41 -3.45
C TYR B 60 9.75 -23.71 -4.61
N GLY B 61 10.27 -24.17 -5.76
CA GLY B 61 9.46 -24.45 -6.96
C GLY B 61 8.93 -23.17 -7.59
N ILE B 62 9.70 -22.08 -7.45
CA ILE B 62 9.42 -20.74 -8.06
C ILE B 62 10.17 -20.66 -9.38
N ASP B 63 9.54 -20.11 -10.43
CA ASP B 63 10.17 -19.86 -11.75
C ASP B 63 11.33 -18.89 -11.53
N TYR B 64 12.55 -19.28 -11.96
CA TYR B 64 13.80 -18.52 -11.73
C TYR B 64 13.64 -17.08 -12.25
N SER B 65 13.10 -16.94 -13.46
CA SER B 65 12.82 -15.65 -14.15
C SER B 65 12.07 -14.71 -13.20
N ARG B 66 10.93 -15.16 -12.68
CA ARG B 66 10.01 -14.37 -11.83
C ARG B 66 10.71 -13.95 -10.52
N LEU B 67 11.46 -14.86 -9.91
CA LEU B 67 12.17 -14.63 -8.61
C LEU B 67 13.30 -13.61 -8.80
N ASN B 68 14.16 -13.84 -9.80
CA ASN B 68 15.36 -13.00 -10.07
C ASN B 68 14.91 -11.58 -10.43
N ARG B 69 13.74 -11.43 -11.06
CA ARG B 69 13.12 -10.12 -11.37
C ARG B 69 12.68 -9.45 -10.06
N LEU B 70 11.93 -10.17 -9.22
CA LEU B 70 11.50 -9.69 -7.87
C LEU B 70 12.73 -9.29 -7.06
N CYS B 71 13.78 -10.13 -7.07
CA CYS B 71 15.06 -9.88 -6.35
C CYS B 71 15.67 -8.56 -6.83
N ASP B 72 15.82 -8.39 -8.16
CA ASP B 72 16.35 -7.16 -8.79
C ASP B 72 15.66 -5.93 -8.19
N PHE B 73 14.32 -5.93 -8.11
CA PHE B 73 13.49 -4.82 -7.57
C PHE B 73 13.88 -4.54 -6.11
N LEU B 74 14.07 -5.60 -5.31
CA LEU B 74 14.48 -5.49 -3.88
C LEU B 74 15.90 -4.90 -3.79
N ILE B 75 16.74 -5.15 -4.80
CA ILE B 75 18.14 -4.63 -4.88
C ILE B 75 18.11 -3.13 -5.19
N GLU B 76 17.16 -2.69 -6.01
CA GLU B 76 17.02 -1.26 -6.44
C GLU B 76 16.52 -0.43 -5.25
N ILE B 77 15.47 -0.89 -4.57
CA ILE B 77 14.83 -0.19 -3.41
C ILE B 77 15.76 -0.24 -2.18
N GLY B 78 16.70 -1.19 -2.14
CA GLY B 78 17.80 -1.24 -1.16
C GLY B 78 17.64 -2.36 -0.13
N VAL B 79 16.61 -3.20 -0.26
CA VAL B 79 16.31 -4.33 0.67
C VAL B 79 17.44 -5.37 0.57
N LEU B 80 17.82 -5.74 -0.66
CA LEU B 80 18.88 -6.73 -0.95
C LEU B 80 20.14 -6.02 -1.44
N VAL B 81 21.29 -6.71 -1.39
CA VAL B 81 22.58 -6.26 -1.99
C VAL B 81 23.06 -7.33 -2.98
N SER B 82 23.35 -6.93 -4.22
CA SER B 82 23.84 -7.82 -5.30
C SER B 82 25.33 -8.07 -5.10
N SER B 83 25.83 -9.21 -5.60
CA SER B 83 27.27 -9.59 -5.55
C SER B 83 27.57 -10.69 -6.58
N ASP B 84 28.83 -11.14 -6.61
CA ASP B 84 29.30 -12.33 -7.38
C ASP B 84 28.80 -13.60 -6.68
N HIS B 85 28.83 -13.62 -5.34
CA HIS B 85 28.31 -14.73 -4.48
C HIS B 85 26.88 -15.08 -4.88
N GLY B 86 26.03 -14.05 -5.01
CA GLY B 86 24.57 -14.15 -5.21
C GLY B 86 23.87 -12.90 -4.74
N VAL B 87 22.98 -13.01 -3.75
CA VAL B 87 22.25 -11.85 -3.15
C VAL B 87 22.07 -12.10 -1.64
N ALA B 88 22.12 -11.02 -0.85
CA ALA B 88 21.91 -11.02 0.62
C ALA B 88 21.00 -9.85 1.00
N LEU B 89 20.42 -9.89 2.21
CA LEU B 89 19.71 -8.74 2.83
C LEU B 89 20.74 -7.65 3.13
N SER B 90 20.37 -6.38 2.91
CA SER B 90 21.21 -5.19 3.25
C SER B 90 21.25 -5.03 4.77
N GLU B 91 22.35 -4.47 5.29
CA GLU B 91 22.59 -4.25 6.75
C GLU B 91 21.35 -3.64 7.41
N GLU B 92 20.70 -2.68 6.76
CA GLU B 92 19.59 -1.88 7.33
C GLU B 92 18.26 -2.67 7.25
N CYS B 93 18.21 -3.72 6.42
CA CYS B 93 17.01 -4.59 6.22
C CYS B 93 17.26 -6.01 6.74
N SER B 94 18.32 -6.22 7.53
CA SER B 94 18.72 -7.52 8.13
C SER B 94 17.54 -8.18 8.87
N ALA B 95 16.67 -7.37 9.48
CA ALA B 95 15.60 -7.80 10.43
C ALA B 95 14.53 -8.66 9.74
N LEU B 96 14.53 -8.78 8.41
CA LEU B 96 13.61 -9.68 7.66
C LEU B 96 14.08 -11.14 7.79
N ALA B 97 15.34 -11.34 8.17
CA ALA B 97 15.93 -12.67 8.48
C ALA B 97 15.30 -13.21 9.78
N ASP B 98 14.98 -12.32 10.72
CA ASP B 98 14.50 -12.65 12.09
C ASP B 98 12.97 -12.77 12.09
N PRO B 99 12.39 -13.96 12.37
CA PRO B 99 10.94 -14.16 12.28
C PRO B 99 10.16 -13.66 13.50
N ASN B 100 10.83 -13.26 14.58
CA ASN B 100 10.23 -12.56 15.73
C ASN B 100 10.87 -11.18 15.86
N SER B 101 11.09 -10.51 14.73
CA SER B 101 11.51 -9.09 14.64
C SER B 101 10.27 -8.20 14.54
N VAL B 102 10.36 -6.97 15.06
CA VAL B 102 9.27 -5.96 15.00
C VAL B 102 8.92 -5.71 13.53
N GLU B 103 9.94 -5.63 12.65
CA GLU B 103 9.78 -5.41 11.19
C GLU B 103 9.02 -6.60 10.59
N PHE B 104 9.49 -7.83 10.83
CA PHE B 104 8.94 -9.10 10.27
C PHE B 104 7.50 -9.30 10.75
N LEU B 105 7.22 -8.98 12.02
CA LEU B 105 5.88 -9.17 12.64
C LEU B 105 4.90 -8.11 12.11
N THR B 106 5.38 -6.88 11.88
CA THR B 106 4.60 -5.77 11.28
C THR B 106 4.14 -6.17 9.87
N VAL B 107 5.01 -6.80 9.08
CA VAL B 107 4.68 -7.31 7.71
C VAL B 107 3.57 -8.38 7.86
N LYS B 108 3.85 -9.38 8.67
CA LYS B 108 2.91 -10.51 8.85
C LYS B 108 1.59 -9.98 9.38
N TYR B 109 1.62 -9.10 10.36
CA TYR B 109 0.37 -8.56 10.95
C TYR B 109 -0.36 -7.54 10.07
N GLU B 110 0.34 -6.54 9.55
CA GLU B 110 -0.32 -5.39 8.88
C GLU B 110 -0.61 -5.52 7.38
N ILE B 111 0.18 -6.28 6.63
CA ILE B 111 0.02 -6.39 5.15
C ILE B 111 -0.90 -7.55 4.81
N ASN B 112 -2.20 -7.29 4.78
CA ASN B 112 -3.21 -8.33 4.49
C ASN B 112 -4.54 -7.68 4.12
N SER B 113 -5.47 -8.45 3.60
CA SER B 113 -6.81 -7.93 3.17
C SER B 113 -7.42 -7.09 4.30
N GLU B 114 -7.41 -7.62 5.53
CA GLU B 114 -8.03 -7.00 6.73
C GLU B 114 -7.73 -5.50 6.76
N HIS B 115 -6.45 -5.12 6.57
CA HIS B 115 -5.98 -3.70 6.63
C HIS B 115 -6.18 -3.03 5.27
N TRP B 116 -5.67 -3.65 4.21
CA TRP B 116 -5.57 -3.04 2.86
C TRP B 116 -6.97 -2.84 2.26
N ASP B 117 -7.89 -3.79 2.45
CA ASP B 117 -9.30 -3.67 1.97
C ASP B 117 -10.02 -2.60 2.78
N SER B 118 -9.69 -2.47 4.07
CA SER B 118 -10.28 -1.46 5.00
C SER B 118 -9.76 -0.07 4.63
N TRP B 119 -8.49 0.04 4.22
CA TRP B 119 -7.88 1.30 3.68
C TRP B 119 -8.63 1.75 2.43
N LEU B 120 -8.99 0.82 1.54
CA LEU B 120 -9.74 1.10 0.28
C LEU B 120 -11.15 1.62 0.62
N MET B 121 -11.74 1.12 1.71
CA MET B 121 -13.11 1.52 2.17
C MET B 121 -13.04 2.86 2.91
N TYR B 122 -11.88 3.22 3.48
CA TYR B 122 -11.72 4.38 4.40
C TYR B 122 -12.36 5.64 3.82
N PRO B 123 -12.15 5.99 2.52
CA PRO B 123 -12.79 7.17 1.94
C PRO B 123 -14.33 7.07 1.91
N LYS B 124 -14.87 5.86 1.71
CA LYS B 124 -16.33 5.56 1.76
C LYS B 124 -16.86 5.82 3.16
N SER B 125 -16.12 5.41 4.20
CA SER B 125 -16.48 5.54 5.63
C SER B 125 -16.54 7.03 6.03
N LEU B 126 -15.63 7.84 5.51
CA LEU B 126 -15.62 9.32 5.67
C LEU B 126 -16.93 9.91 5.14
N LEU B 127 -17.23 9.66 3.85
CA LEU B 127 -18.38 10.26 3.11
C LEU B 127 -19.71 9.71 3.67
N GLU B 128 -19.81 8.38 3.78
CA GLU B 128 -20.98 7.68 4.37
C GLU B 128 -20.84 7.72 5.89
N ASN B 129 -21.03 8.89 6.50
CA ASN B 129 -20.77 9.18 7.93
C ASN B 129 -21.81 8.42 8.78
N ASN B 130 -21.38 7.31 9.38
CA ASN B 130 -22.19 6.47 10.31
C ASN B 130 -21.26 5.86 11.36
N GLY B 131 -21.81 5.12 12.33
CA GLY B 131 -21.05 4.45 13.40
C GLY B 131 -20.11 3.38 12.87
N LYS B 132 -20.41 2.81 11.69
CA LYS B 132 -19.67 1.69 11.07
C LYS B 132 -18.27 2.17 10.65
N SER B 133 -17.21 1.53 11.16
CA SER B 133 -15.80 1.77 10.77
C SER B 133 -15.55 1.21 9.37
N ALA B 134 -14.54 1.72 8.67
CA ALA B 134 -14.09 1.22 7.35
C ALA B 134 -13.96 -0.31 7.42
N PHE B 135 -13.41 -0.84 8.52
CA PHE B 135 -13.19 -2.30 8.74
C PHE B 135 -14.52 -3.04 8.85
N GLU B 136 -15.48 -2.48 9.58
N GLU B 136 -15.50 -2.49 9.56
CA GLU B 136 -16.85 -3.01 9.78
CA GLU B 136 -16.84 -3.14 9.72
C GLU B 136 -17.60 -3.00 8.44
C GLU B 136 -17.64 -3.02 8.42
N MET B 137 -17.38 -1.96 7.63
CA MET B 137 -18.00 -1.80 6.28
C MET B 137 -17.51 -2.90 5.34
N VAL B 138 -16.29 -3.42 5.54
CA VAL B 138 -15.70 -4.52 4.72
C VAL B 138 -16.18 -5.87 5.28
N HIS B 139 -16.01 -6.09 6.58
CA HIS B 139 -16.09 -7.43 7.24
C HIS B 139 -17.47 -7.68 7.87
N GLY B 140 -18.28 -6.63 8.07
CA GLY B 140 -19.65 -6.73 8.60
C GLY B 140 -19.69 -7.00 10.09
N LYS B 141 -18.52 -7.18 10.71
CA LYS B 141 -18.34 -7.46 12.15
C LYS B 141 -17.14 -6.65 12.66
N SER B 142 -17.11 -6.34 13.97
CA SER B 142 -16.08 -5.48 14.61
C SER B 142 -14.70 -6.13 14.46
N PHE B 143 -13.63 -5.34 14.62
CA PHE B 143 -12.22 -5.79 14.46
C PHE B 143 -11.93 -6.96 15.41
N PHE B 144 -12.31 -6.83 16.68
CA PHE B 144 -12.00 -7.81 17.75
C PHE B 144 -12.91 -9.03 17.62
N GLU B 145 -14.15 -8.86 17.14
CA GLU B 145 -15.05 -9.98 16.77
C GLU B 145 -14.34 -10.85 15.72
N HIS B 146 -13.79 -10.21 14.69
CA HIS B 146 -13.09 -10.87 13.54
C HIS B 146 -11.79 -11.52 14.01
N LEU B 147 -11.06 -10.88 14.93
CA LEU B 147 -9.74 -11.35 15.44
C LEU B 147 -9.92 -12.58 16.34
N ASP B 148 -10.98 -12.62 17.16
CA ASP B 148 -11.26 -13.74 18.10
C ASP B 148 -11.71 -14.97 17.31
N SER B 149 -12.23 -14.78 16.09
CA SER B 149 -12.70 -15.86 15.17
C SER B 149 -11.51 -16.55 14.50
N ASN B 150 -10.43 -15.81 14.22
CA ASN B 150 -9.26 -16.31 13.44
C ASN B 150 -8.03 -16.40 14.35
N LYS B 151 -7.63 -17.62 14.71
CA LYS B 151 -6.50 -17.91 15.63
C LYS B 151 -5.18 -17.41 15.03
N GLY B 152 -5.03 -17.49 13.70
CA GLY B 152 -3.81 -17.06 12.98
C GLY B 152 -3.54 -15.58 13.14
N LEU B 153 -4.57 -14.75 13.02
CA LEU B 153 -4.48 -13.26 13.07
C LEU B 153 -4.21 -12.82 14.51
N LYS B 154 -4.94 -13.41 15.47
CA LYS B 154 -4.82 -13.12 16.92
C LYS B 154 -3.39 -13.40 17.38
N SER B 155 -2.85 -14.57 17.02
CA SER B 155 -1.45 -14.99 17.33
C SER B 155 -0.46 -13.98 16.75
N ASP B 156 -0.72 -13.49 15.53
CA ASP B 156 0.10 -12.46 14.83
C ASP B 156 -0.05 -11.12 15.56
N PHE B 157 -1.29 -10.73 15.89
CA PHE B 157 -1.62 -9.50 16.66
C PHE B 157 -0.85 -9.52 17.98
N ASP B 158 -1.05 -10.58 18.78
CA ASP B 158 -0.42 -10.76 20.12
C ASP B 158 1.11 -10.71 19.99
N ALA B 159 1.66 -11.36 18.96
CA ALA B 159 3.12 -11.46 18.70
C ALA B 159 3.72 -10.07 18.48
N LEU B 160 3.02 -9.19 17.72
CA LEU B 160 3.49 -7.83 17.39
C LEU B 160 3.28 -6.89 18.60
N MET B 161 2.17 -7.08 19.34
CA MET B 161 1.88 -6.32 20.58
C MET B 161 2.95 -6.63 21.63
N SER B 162 3.31 -7.91 21.79
CA SER B 162 4.35 -8.40 22.74
C SER B 162 5.65 -7.60 22.56
N LYS B 163 6.04 -7.35 21.29
CA LYS B 163 7.27 -6.59 20.91
C LYS B 163 7.19 -5.16 21.47
N TYR B 164 6.04 -4.49 21.33
CA TYR B 164 5.83 -3.08 21.73
C TYR B 164 5.80 -2.95 23.26
N THR B 165 5.32 -3.98 23.97
CA THR B 165 5.37 -4.07 25.46
C THR B 165 6.82 -4.20 25.91
N ASN B 166 7.58 -5.11 25.30
CA ASN B 166 8.97 -5.47 25.68
C ASN B 166 9.85 -4.21 25.68
N LYS B 167 9.60 -3.25 24.77
CA LYS B 167 10.37 -1.98 24.66
C LYS B 167 10.12 -1.08 25.89
N ILE B 168 8.94 -1.21 26.53
CA ILE B 168 8.41 -0.27 27.56
C ILE B 168 8.89 -0.67 28.95
N ILE B 169 9.00 -1.98 29.20
CA ILE B 169 9.25 -2.61 30.54
C ILE B 169 10.38 -1.87 31.25
N LYS B 170 11.58 -1.92 30.68
CA LYS B 170 12.84 -1.37 31.24
C LYS B 170 12.57 -0.06 32.00
N GLU B 171 12.08 0.99 31.32
CA GLU B 171 11.95 2.36 31.88
C GLU B 171 10.55 2.56 32.50
N LEU B 172 9.62 1.62 32.30
CA LEU B 172 8.29 1.61 32.96
C LEU B 172 8.47 1.34 34.46
N LEU B 173 9.34 0.38 34.80
CA LEU B 173 9.64 -0.05 36.19
C LEU B 173 10.40 1.06 36.94
N VAL B 174 11.14 1.91 36.20
CA VAL B 174 12.04 2.95 36.77
C VAL B 174 11.22 4.14 37.27
N ILE B 175 10.19 4.57 36.51
CA ILE B 175 9.43 5.83 36.77
C ILE B 175 8.21 5.54 37.66
N TYR B 176 7.69 4.31 37.66
CA TYR B 176 6.55 3.88 38.52
C TYR B 176 6.94 2.68 39.37
N ASP B 177 6.56 2.72 40.66
CA ASP B 177 6.92 1.71 41.69
C ASP B 177 5.76 0.72 41.85
N PHE B 178 5.86 -0.43 41.18
CA PHE B 178 4.89 -1.56 41.28
C PHE B 178 5.14 -2.33 42.58
N ASP B 179 6.33 -2.19 43.15
CA ASP B 179 6.77 -2.84 44.42
C ASP B 179 5.82 -2.44 45.56
N LYS B 180 5.25 -1.23 45.51
CA LYS B 180 4.34 -0.67 46.56
C LYS B 180 2.90 -1.18 46.37
N HIS B 181 2.64 -1.98 45.33
CA HIS B 181 1.33 -2.63 45.07
C HIS B 181 1.46 -4.14 45.31
N ASN B 182 0.33 -4.80 45.60
CA ASN B 182 0.28 -6.28 45.82
C ASN B 182 -0.81 -6.93 44.96
N ARG B 183 -1.89 -6.20 44.62
CA ARG B 183 -2.99 -6.70 43.75
C ARG B 183 -3.10 -5.79 42.51
N ILE B 184 -2.63 -6.28 41.36
CA ILE B 184 -2.51 -5.54 40.07
C ILE B 184 -3.39 -6.25 39.04
N LEU B 185 -4.23 -5.49 38.33
CA LEU B 185 -5.13 -6.01 37.27
C LEU B 185 -4.83 -5.30 35.93
N ASP B 186 -4.47 -6.07 34.90
CA ASP B 186 -4.25 -5.55 33.52
C ASP B 186 -5.53 -5.76 32.71
N LEU B 187 -6.21 -4.67 32.37
CA LEU B 187 -7.50 -4.65 31.62
C LEU B 187 -7.18 -4.61 30.12
N GLY B 188 -7.77 -5.54 29.36
CA GLY B 188 -7.40 -5.79 27.96
C GLY B 188 -5.90 -6.05 27.83
N GLY B 189 -5.39 -7.00 28.63
CA GLY B 189 -3.95 -7.34 28.70
C GLY B 189 -3.57 -8.38 27.64
N GLY B 190 -4.56 -9.01 27.00
CA GLY B 190 -4.38 -10.06 25.99
C GLY B 190 -3.58 -11.24 26.56
N ASP B 191 -2.41 -11.50 25.98
CA ASP B 191 -1.51 -12.62 26.37
C ASP B 191 -0.85 -12.33 27.72
N GLY B 192 -0.99 -11.11 28.24
CA GLY B 192 -0.53 -10.71 29.60
C GLY B 192 0.97 -10.45 29.64
N GLU B 193 1.57 -10.10 28.50
CA GLU B 193 3.04 -9.87 28.34
C GLU B 193 3.50 -8.80 29.33
N LEU B 194 2.70 -7.74 29.54
CA LEU B 194 3.03 -6.63 30.47
C LEU B 194 3.27 -7.20 31.88
N LEU B 195 2.35 -8.03 32.38
CA LEU B 195 2.41 -8.61 33.75
C LEU B 195 3.48 -9.70 33.80
N ILE B 196 3.60 -10.53 32.76
CA ILE B 196 4.65 -11.58 32.62
C ILE B 196 6.03 -10.96 32.82
N ARG B 197 6.31 -9.83 32.16
CA ARG B 197 7.63 -9.15 32.17
C ARG B 197 7.87 -8.50 33.54
N ILE B 198 6.87 -7.79 34.07
CA ILE B 198 6.96 -7.05 35.36
C ILE B 198 7.10 -8.07 36.50
N SER B 199 6.35 -9.17 36.45
CA SER B 199 6.33 -10.25 37.47
C SER B 199 7.73 -10.85 37.65
N GLU B 200 8.51 -10.96 36.56
CA GLU B 200 9.88 -11.52 36.56
C GLU B 200 10.79 -10.68 37.45
N GLN B 201 10.69 -9.34 37.36
CA GLN B 201 11.54 -8.37 38.09
C GLN B 201 10.90 -7.96 39.41
N VAL B 202 9.58 -8.15 39.56
CA VAL B 202 8.80 -7.74 40.77
C VAL B 202 7.96 -8.94 41.23
N LYS B 203 8.43 -9.65 42.27
CA LYS B 203 7.89 -10.96 42.72
C LYS B 203 7.00 -10.76 43.95
N GLY B 204 6.12 -11.73 44.23
CA GLY B 204 5.29 -11.82 45.44
C GLY B 204 4.04 -10.96 45.36
N LYS B 205 3.55 -10.69 44.15
CA LYS B 205 2.33 -9.85 43.89
C LYS B 205 1.24 -10.73 43.27
N ASP B 206 -0.02 -10.29 43.37
CA ASP B 206 -1.18 -10.90 42.68
C ASP B 206 -1.34 -10.22 41.32
N TYR B 207 -0.86 -10.87 40.26
CA TYR B 207 -0.91 -10.39 38.85
C TYR B 207 -2.10 -11.06 38.14
N THR B 208 -3.07 -10.24 37.70
CA THR B 208 -4.31 -10.69 37.03
C THR B 208 -4.43 -10.00 35.66
N VAL B 209 -4.73 -10.76 34.62
CA VAL B 209 -5.01 -10.25 33.24
C VAL B 209 -6.49 -10.51 32.92
N LEU B 210 -7.24 -9.46 32.59
CA LEU B 210 -8.67 -9.54 32.18
C LEU B 210 -8.77 -9.24 30.68
N ASP B 211 -9.35 -10.17 29.91
CA ASP B 211 -9.55 -10.03 28.45
C ASP B 211 -10.65 -11.00 28.00
N ARG B 212 -10.89 -11.08 26.69
CA ARG B 212 -11.82 -12.04 26.04
C ARG B 212 -11.02 -13.21 25.47
N TYR B 213 -11.07 -14.37 26.13
CA TYR B 213 -10.37 -15.62 25.73
C TYR B 213 -11.40 -16.68 25.34
N ASN B 214 -10.93 -17.72 24.63
CA ASN B 214 -11.70 -18.96 24.33
C ASN B 214 -11.15 -20.06 25.24
N GLU B 215 -9.83 -20.28 25.17
CA GLU B 215 -9.04 -21.08 26.14
C GLU B 215 -8.10 -20.11 26.89
N VAL B 216 -8.36 -19.85 28.17
CA VAL B 216 -7.64 -18.81 28.97
C VAL B 216 -6.15 -19.19 28.96
N PRO B 217 -5.23 -18.22 28.75
CA PRO B 217 -3.79 -18.51 28.73
C PRO B 217 -3.26 -19.07 30.06
N ILE B 218 -2.06 -19.67 30.02
CA ILE B 218 -1.34 -20.24 31.19
C ILE B 218 0.04 -19.56 31.28
N SER B 219 0.43 -19.11 32.48
CA SER B 219 1.76 -18.55 32.81
C SER B 219 1.96 -18.55 34.33
N GLU B 220 3.15 -18.93 34.79
CA GLU B 220 3.51 -19.05 36.24
C GLU B 220 3.40 -17.67 36.91
N GLY B 221 2.62 -17.60 37.99
CA GLY B 221 2.45 -16.38 38.82
C GLY B 221 1.58 -15.33 38.16
N ILE B 222 0.79 -15.71 37.15
CA ILE B 222 -0.16 -14.83 36.41
C ILE B 222 -1.55 -15.47 36.43
N ASN B 223 -2.56 -14.76 36.93
CA ASN B 223 -3.98 -15.18 36.91
C ASN B 223 -4.65 -14.59 35.65
N PHE B 224 -5.30 -15.44 34.83
CA PHE B 224 -5.96 -15.03 33.56
C PHE B 224 -7.49 -15.18 33.73
N ILE B 225 -8.20 -14.05 33.67
CA ILE B 225 -9.68 -13.95 33.85
C ILE B 225 -10.34 -13.66 32.51
N LYS B 226 -11.38 -14.42 32.16
CA LYS B 226 -12.37 -14.08 31.10
C LYS B 226 -13.22 -12.91 31.60
N GLY B 227 -13.27 -11.80 30.86
CA GLY B 227 -13.97 -10.57 31.31
C GLY B 227 -14.28 -9.61 30.18
N ASP B 228 -15.18 -8.66 30.47
CA ASP B 228 -15.62 -7.57 29.56
C ASP B 228 -15.61 -6.27 30.37
N PHE B 229 -14.75 -5.31 30.02
CA PHE B 229 -14.57 -4.03 30.77
C PHE B 229 -15.69 -3.03 30.41
N PHE B 230 -16.71 -3.45 29.66
CA PHE B 230 -17.98 -2.71 29.47
C PHE B 230 -19.00 -3.15 30.54
N LYS B 231 -18.70 -4.25 31.26
CA LYS B 231 -19.44 -4.71 32.45
C LYS B 231 -18.65 -4.27 33.70
N PRO B 232 -19.29 -4.24 34.90
CA PRO B 232 -18.59 -3.85 36.12
C PRO B 232 -17.28 -4.62 36.35
N ILE B 233 -16.20 -3.89 36.62
CA ILE B 233 -14.81 -4.43 36.71
C ILE B 233 -14.57 -4.95 38.14
N PRO B 234 -13.84 -6.08 38.31
CA PRO B 234 -13.55 -6.60 39.64
C PRO B 234 -12.95 -5.55 40.59
N THR B 235 -13.43 -5.51 41.84
CA THR B 235 -12.93 -4.62 42.92
C THR B 235 -11.78 -5.33 43.66
N GLY B 236 -11.14 -4.63 44.60
CA GLY B 236 -10.15 -5.20 45.52
C GLY B 236 -8.76 -5.33 44.92
N TYR B 237 -8.49 -4.66 43.79
CA TYR B 237 -7.14 -4.44 43.23
C TYR B 237 -6.73 -3.00 43.56
N ASP B 238 -5.45 -2.77 43.88
CA ASP B 238 -4.91 -1.43 44.24
C ASP B 238 -4.29 -0.77 43.00
N LEU B 239 -4.00 -1.55 41.95
CA LEU B 239 -3.50 -1.03 40.64
C LEU B 239 -4.30 -1.64 39.49
N TYR B 240 -4.97 -0.80 38.70
CA TYR B 240 -5.60 -1.15 37.40
C TYR B 240 -4.73 -0.57 36.29
N ILE B 241 -4.55 -1.31 35.20
CA ILE B 241 -3.69 -0.91 34.04
C ILE B 241 -4.51 -1.04 32.74
N LEU B 242 -4.66 0.08 32.02
CA LEU B 242 -5.14 0.14 30.61
C LEU B 242 -3.95 0.52 29.72
N LYS B 243 -3.44 -0.43 28.93
CA LYS B 243 -2.31 -0.22 27.98
C LYS B 243 -2.81 -0.48 26.56
N ASN B 244 -2.84 0.57 25.72
CA ASN B 244 -3.27 0.51 24.30
C ASN B 244 -4.67 -0.12 24.21
N VAL B 245 -5.60 0.36 25.04
CA VAL B 245 -7.03 -0.09 25.05
C VAL B 245 -7.93 1.06 24.59
N LEU B 246 -7.75 2.26 25.15
CA LEU B 246 -8.67 3.41 24.96
C LEU B 246 -8.60 3.94 23.53
N HIS B 247 -7.47 3.73 22.83
CA HIS B 247 -7.25 4.17 21.43
C HIS B 247 -8.02 3.25 20.46
N ASN B 248 -8.59 2.14 20.96
CA ASN B 248 -9.46 1.22 20.20
C ASN B 248 -10.94 1.65 20.31
N TRP B 249 -11.25 2.68 21.11
CA TRP B 249 -12.65 3.05 21.46
C TRP B 249 -12.91 4.54 21.25
N PRO B 250 -14.11 4.91 20.73
CA PRO B 250 -14.54 6.31 20.70
C PRO B 250 -14.83 6.80 22.13
N ASP B 251 -15.11 8.10 22.28
CA ASP B 251 -15.19 8.81 23.60
C ASP B 251 -16.24 8.16 24.49
N ASN B 252 -17.45 7.92 23.97
CA ASN B 252 -18.60 7.37 24.74
C ASN B 252 -18.21 6.02 25.35
N ASP B 253 -17.55 5.14 24.58
CA ASP B 253 -17.16 3.77 25.01
C ASP B 253 -15.95 3.87 25.95
N ALA B 254 -14.98 4.74 25.64
CA ALA B 254 -13.78 5.01 26.46
C ALA B 254 -14.21 5.50 27.84
N ILE B 255 -15.24 6.35 27.89
CA ILE B 255 -15.86 6.88 29.15
C ILE B 255 -16.50 5.72 29.92
N SER B 256 -17.19 4.79 29.24
CA SER B 256 -17.86 3.60 29.83
C SER B 256 -16.83 2.68 30.49
N ILE B 257 -15.62 2.57 29.92
CA ILE B 257 -14.50 1.75 30.46
C ILE B 257 -13.96 2.44 31.72
N LEU B 258 -13.64 3.74 31.60
CA LEU B 258 -13.07 4.57 32.69
C LEU B 258 -14.11 4.72 33.83
N LYS B 259 -15.39 4.70 33.50
CA LYS B 259 -16.53 4.77 34.47
C LYS B 259 -16.58 3.47 35.26
N ASN B 260 -16.41 2.33 34.60
CA ASN B 260 -16.34 0.99 35.24
C ASN B 260 -15.03 0.88 36.05
N CYS B 261 -13.97 1.59 35.64
CA CYS B 261 -12.66 1.65 36.36
C CYS B 261 -12.85 2.40 37.68
N ARG B 262 -13.49 3.57 37.66
CA ARG B 262 -13.76 4.40 38.87
C ARG B 262 -14.56 3.57 39.89
N GLU B 263 -15.65 2.94 39.44
CA GLU B 263 -16.61 2.18 40.29
C GLU B 263 -15.95 0.93 40.87
N ALA B 264 -14.90 0.42 40.23
CA ALA B 264 -14.09 -0.73 40.70
C ALA B 264 -13.10 -0.25 41.77
N MET B 265 -12.60 0.99 41.61
CA MET B 265 -11.56 1.60 42.46
C MET B 265 -12.18 2.16 43.74
N ASP B 266 -11.35 2.35 44.76
CA ASP B 266 -11.62 3.21 45.95
C ASP B 266 -10.48 4.23 46.04
N ASN B 267 -10.45 5.08 47.06
CA ASN B 267 -9.24 5.88 47.40
C ASN B 267 -8.10 4.90 47.69
N ASN B 268 -6.86 5.36 47.66
CA ASN B 268 -5.67 4.54 47.97
C ASN B 268 -5.51 3.43 46.91
N ALA B 269 -6.24 3.54 45.78
CA ALA B 269 -6.12 2.70 44.57
C ALA B 269 -5.81 3.62 43.39
N THR B 270 -5.06 3.11 42.40
CA THR B 270 -4.52 3.89 41.26
C THR B 270 -4.83 3.21 39.93
N LEU B 271 -5.10 4.01 38.89
CA LEU B 271 -5.33 3.54 37.49
C LEU B 271 -4.17 4.04 36.64
N LEU B 272 -3.53 3.14 35.88
CA LEU B 272 -2.43 3.48 34.93
C LEU B 272 -2.95 3.36 33.49
N ILE B 273 -2.83 4.44 32.71
CA ILE B 273 -3.06 4.45 31.24
C ILE B 273 -1.71 4.58 30.54
N ILE B 274 -1.34 3.57 29.75
CA ILE B 274 -0.14 3.58 28.86
C ILE B 274 -0.65 3.59 27.42
N THR B 275 -0.69 4.77 26.79
CA THR B 275 -1.09 4.96 25.36
C THR B 275 0.01 5.70 24.61
N LEU B 276 -0.06 5.67 23.28
CA LEU B 276 0.77 6.53 22.40
C LEU B 276 0.19 7.93 22.46
N MET B 277 0.80 8.82 23.25
CA MET B 277 0.27 10.18 23.50
C MET B 277 0.43 11.02 22.23
N LYS B 278 -0.60 11.80 21.91
CA LYS B 278 -0.69 12.66 20.70
C LYS B 278 0.17 13.92 20.92
N LYS B 279 1.47 13.72 21.18
CA LYS B 279 2.44 14.81 21.45
C LYS B 279 3.32 14.97 20.20
N PRO B 280 3.36 16.16 19.57
CA PRO B 280 4.07 16.36 18.30
C PRO B 280 5.52 15.82 18.23
N GLN B 281 6.15 15.53 19.38
CA GLN B 281 7.53 14.95 19.44
C GLN B 281 7.50 13.45 19.11
N SER B 282 6.31 12.83 19.06
CA SER B 282 6.10 11.44 18.57
C SER B 282 6.01 11.45 17.04
N LEU B 283 6.64 10.48 16.38
CA LEU B 283 6.74 10.38 14.91
C LEU B 283 5.58 9.57 14.34
N VAL B 284 5.23 8.47 15.02
CA VAL B 284 4.40 7.36 14.48
C VAL B 284 2.93 7.55 14.87
N VAL B 285 2.64 8.43 15.83
CA VAL B 285 1.31 8.54 16.48
C VAL B 285 0.25 8.95 15.45
N LYS B 286 0.52 9.98 14.65
CA LYS B 286 -0.45 10.54 13.67
C LYS B 286 -0.80 9.48 12.61
N SER B 287 0.14 8.62 12.22
CA SER B 287 -0.12 7.51 11.25
C SER B 287 -1.02 6.46 11.92
N VAL B 288 -0.73 6.12 13.17
CA VAL B 288 -1.51 5.15 14.00
C VAL B 288 -2.87 5.77 14.34
N ASP B 289 -2.94 7.10 14.46
CA ASP B 289 -4.19 7.85 14.73
C ASP B 289 -5.22 7.56 13.62
N ILE B 290 -4.77 7.56 12.36
CA ILE B 290 -5.62 7.32 11.16
C ILE B 290 -5.94 5.81 11.09
N LEU B 291 -5.00 4.97 11.51
CA LEU B 291 -5.16 3.49 11.60
C LEU B 291 -6.30 3.16 12.56
N MET B 292 -6.40 3.86 13.69
CA MET B 292 -7.44 3.66 14.73
C MET B 292 -8.80 4.11 14.20
N ASP B 293 -8.86 5.25 13.52
CA ASP B 293 -10.09 5.77 12.86
C ASP B 293 -10.62 4.72 11.90
N MET B 294 -9.74 4.15 11.06
CA MET B 294 -10.09 3.19 9.99
C MET B 294 -10.58 1.86 10.60
N LEU B 295 -9.89 1.34 11.62
CA LEU B 295 -10.14 0.00 12.20
C LEU B 295 -11.31 0.04 13.19
N PHE B 296 -11.40 1.07 14.04
CA PHE B 296 -12.28 1.07 15.25
C PHE B 296 -13.25 2.27 15.29
N SER B 297 -13.05 3.30 14.46
CA SER B 297 -13.73 4.62 14.58
C SER B 297 -13.30 5.29 15.89
N ALA B 298 -12.02 5.12 16.25
CA ALA B 298 -11.39 5.60 17.50
C ALA B 298 -10.22 6.53 17.13
N LYS B 299 -9.36 6.87 18.09
CA LYS B 299 -8.21 7.79 17.87
C LYS B 299 -7.17 7.65 18.99
N GLN B 300 -5.96 8.14 18.74
CA GLN B 300 -4.99 8.57 19.78
C GLN B 300 -5.53 9.90 20.33
N ARG B 301 -5.09 10.31 21.53
CA ARG B 301 -5.66 11.49 22.23
C ARG B 301 -4.53 12.40 22.73
N TYR B 302 -4.75 13.72 22.71
CA TYR B 302 -3.96 14.73 23.47
C TYR B 302 -4.22 14.52 24.96
N LEU B 303 -3.37 15.09 25.83
CA LEU B 303 -3.53 15.01 27.30
C LEU B 303 -4.86 15.67 27.68
N SER B 304 -5.23 16.76 26.99
CA SER B 304 -6.49 17.52 27.18
C SER B 304 -7.71 16.62 26.89
N GLU B 305 -7.59 15.70 25.93
CA GLU B 305 -8.69 14.77 25.55
C GLU B 305 -8.85 13.70 26.63
N PHE B 306 -7.76 13.17 27.18
CA PHE B 306 -7.77 12.19 28.31
C PHE B 306 -8.36 12.87 29.55
N GLU B 307 -7.93 14.09 29.84
CA GLU B 307 -8.48 14.95 30.93
C GLU B 307 -10.01 15.03 30.79
N ASP B 308 -10.50 15.21 29.56
CA ASP B 308 -11.96 15.35 29.27
C ASP B 308 -12.68 14.07 29.68
N ILE B 309 -12.26 12.91 29.16
CA ILE B 309 -12.96 11.60 29.36
C ILE B 309 -12.81 11.14 30.81
N ALA B 310 -11.68 11.45 31.46
CA ALA B 310 -11.39 11.13 32.88
C ALA B 310 -12.40 11.84 33.79
N ASN B 311 -12.62 13.15 33.56
CA ASN B 311 -13.56 14.00 34.33
C ASN B 311 -15.00 13.47 34.19
N GLN B 312 -15.39 13.07 32.99
CA GLN B 312 -16.77 12.57 32.67
C GLN B 312 -16.99 11.21 33.33
N ALA B 313 -15.93 10.40 33.47
CA ALA B 313 -15.94 9.08 34.13
C ALA B 313 -15.72 9.23 35.64
N GLY B 314 -15.54 10.46 36.13
CA GLY B 314 -15.39 10.78 37.57
C GLY B 314 -13.99 10.52 38.09
N LEU B 315 -12.99 10.49 37.20
CA LEU B 315 -11.56 10.29 37.53
C LEU B 315 -10.81 11.63 37.49
N VAL B 316 -9.67 11.70 38.18
CA VAL B 316 -8.74 12.86 38.17
C VAL B 316 -7.38 12.38 37.67
N ILE B 317 -6.74 13.14 36.77
CA ILE B 317 -5.33 12.90 36.35
C ILE B 317 -4.42 13.43 37.46
N ARG B 318 -3.74 12.52 38.17
CA ARG B 318 -2.85 12.84 39.31
C ARG B 318 -1.49 13.28 38.77
N HIS B 319 -0.88 12.45 37.91
CA HIS B 319 0.45 12.70 37.29
C HIS B 319 0.43 12.30 35.82
N TYR B 320 1.39 12.81 35.07
CA TYR B 320 1.65 12.49 33.64
C TYR B 320 3.17 12.46 33.41
N LYS B 321 3.69 11.34 32.88
CA LYS B 321 5.14 11.11 32.65
C LYS B 321 5.37 10.60 31.22
N ASP B 322 6.53 10.93 30.64
CA ASP B 322 7.01 10.41 29.33
C ASP B 322 7.80 9.12 29.58
N LEU B 323 7.25 7.97 29.21
CA LEU B 323 7.97 6.67 29.17
C LEU B 323 9.15 6.80 28.20
N ASP B 324 8.89 7.35 27.01
CA ASP B 324 9.89 7.57 25.94
C ASP B 324 9.30 8.55 24.91
N GLU B 325 9.85 8.54 23.68
CA GLU B 325 9.49 9.48 22.58
C GLU B 325 8.01 9.37 22.22
N ILE B 326 7.45 8.15 22.17
CA ILE B 326 6.08 7.87 21.65
C ILE B 326 5.12 7.52 22.80
N PHE B 327 5.59 6.77 23.81
CA PHE B 327 4.76 6.23 24.91
C PHE B 327 4.76 7.21 26.09
N SER B 328 3.60 7.32 26.75
CA SER B 328 3.35 8.18 27.92
C SER B 328 2.56 7.42 29.00
N LEU B 329 2.80 7.76 30.26
CA LEU B 329 2.17 7.15 31.46
C LEU B 329 1.27 8.21 32.12
N ILE B 330 -0.01 7.86 32.37
CA ILE B 330 -0.99 8.72 33.10
C ILE B 330 -1.44 7.96 34.36
N GLU B 331 -1.26 8.59 35.52
CA GLU B 331 -1.71 8.07 36.85
C GLU B 331 -3.03 8.75 37.20
N LEU B 332 -4.07 7.97 37.49
CA LEU B 332 -5.44 8.45 37.79
C LEU B 332 -5.91 7.93 39.15
N LYS B 333 -6.63 8.77 39.89
CA LYS B 333 -7.35 8.44 41.17
C LYS B 333 -8.84 8.74 40.96
N VAL B 334 -9.72 8.18 41.80
CA VAL B 334 -11.16 8.56 41.86
C VAL B 334 -11.26 9.87 42.66
N LYS B 335 -12.01 10.84 42.15
CA LYS B 335 -12.39 12.09 42.88
C LYS B 335 -13.11 13.04 41.91
N SAH C . -0.92 1.51 -27.06
CA SAH C . -1.66 2.34 -26.04
CB SAH C . -2.27 1.46 -24.94
CG SAH C . -1.43 0.28 -24.49
SD SAH C . -2.27 -0.76 -23.27
C SAH C . -0.68 3.35 -25.43
O SAH C . -1.10 4.34 -24.82
OXT SAH C . 0.53 3.23 -25.52
C5' SAH C . -2.68 -2.26 -24.19
C4' SAH C . -3.89 -2.16 -25.09
O4' SAH C . -4.12 -3.44 -25.73
C3' SAH C . -5.20 -1.80 -24.38
O3' SAH C . -5.75 -0.61 -24.93
C2' SAH C . -6.13 -3.00 -24.64
O2' SAH C . -7.46 -2.62 -24.87
C1' SAH C . -5.51 -3.58 -25.92
N9 SAH C . -5.83 -4.99 -26.17
C8 SAH C . -5.92 -6.00 -25.24
N7 SAH C . -6.22 -7.16 -25.78
C5 SAH C . -6.35 -6.89 -27.14
C6 SAH C . -6.66 -7.71 -28.23
N6 SAH C . -6.91 -9.02 -28.13
N1 SAH C . -6.70 -7.14 -29.45
C2 SAH C . -6.45 -5.83 -29.55
N3 SAH C . -6.14 -4.96 -28.59
C4 SAH C . -6.11 -5.55 -27.39
C4 QOI D . 4.22 3.50 -15.37
C5 QOI D . 4.81 4.35 -14.43
C6 QOI D . 5.68 5.36 -14.83
C7 QOI D . 3.92 2.82 -17.68
C8 QOI D . 3.04 1.81 -17.26
C10 QOI D . 3.34 2.50 -14.96
C13 QOI D . 1.57 -0.06 -17.76
O16 QOI D . 3.09 2.36 -13.76
C9 QOI D . 2.76 1.66 -15.90
C11 QOI D . 1.89 0.65 -15.49
C12 QOI D . 1.29 -0.20 -16.41
O19 QOI D . 0.44 -1.16 -15.97
C14 QOI D . 2.44 0.95 -18.18
O18 QOI D . 2.72 1.11 -19.50
O15 QOI D . 4.17 2.96 -18.87
C3 QOI D . 4.51 3.67 -16.73
C1 QOI D . 5.97 5.54 -16.17
C2 QOI D . 5.40 4.69 -17.12
O17 QOI D . 5.67 4.83 -18.44
I IOD E . 8.35 2.07 -6.70
I IOD F . 3.76 6.00 7.90
I IOD G . 4.80 11.22 -17.28
CL CL H . 5.09 -3.53 -24.66
CL CL I . -1.54 -2.00 -16.88
N SAH J . -2.76 -4.41 26.53
CA SAH J . -2.20 -5.22 25.40
CB SAH J . -3.21 -5.34 24.25
CG SAH J . -3.93 -4.06 23.89
SD SAH J . -5.07 -4.26 22.48
C SAH J . -0.91 -4.57 24.89
O SAH J . -0.27 -5.11 23.99
OXT SAH J . -0.48 -3.50 25.35
C5' SAH J . -6.70 -4.18 23.26
C4' SAH J . -7.11 -5.43 24.02
O4' SAH J . -8.43 -5.23 24.59
C3' SAH J . -7.21 -6.69 23.15
O3' SAH J . -6.47 -7.76 23.74
C2' SAH J . -8.70 -7.00 23.12
O2' SAH J . -8.96 -8.39 23.03
C1' SAH J . -9.15 -6.42 24.45
N9 SAH J . -10.59 -6.14 24.54
C8 SAH J . -11.39 -5.65 23.53
N7 SAH J . -12.64 -5.50 23.89
C5 SAH J . -12.67 -5.91 25.21
C6 SAH J . -13.71 -5.99 26.15
N6 SAH J . -14.96 -5.64 25.91
N1 SAH J . -13.40 -6.46 27.39
C2 SAH J . -12.14 -6.81 27.65
N3 SAH J . -11.07 -6.78 26.84
C4 SAH J . -11.41 -6.31 25.62
C4 QOI K . 1.88 0.64 15.90
C5 QOI K . 2.92 1.06 15.06
C6 QOI K . 4.09 1.59 15.60
C7 QOI K . 0.98 0.33 18.13
C8 QOI K . -0.19 -0.20 17.58
C10 QOI K . 0.70 0.10 15.35
C13 QOI K . -2.43 -1.16 17.84
O16 QOI K . 0.59 0.01 14.12
C9 QOI K . -0.33 -0.31 16.18
C11 QOI K . -1.51 -0.84 15.64
C12 QOI K . -2.55 -1.27 16.46
O19 QOI K . -3.69 -1.78 15.90
C14 QOI K . -1.26 -0.62 18.39
O18 QOI K . -1.10 -0.50 19.73
O15 QOI K . 1.10 0.43 19.35
C3 QOI K . 2.02 0.75 17.29
C1 QOI K . 4.25 1.71 16.97
C2 QOI K . 3.21 1.28 17.80
O17 QOI K . 3.32 1.38 19.16
I IOD L . 9.47 -1.28 18.85
I IOD M . -1.31 8.61 42.12
I IOD N . -6.06 -8.70 11.44
NA NA O . -15.23 -9.25 20.71
CL CL P . 9.34 -16.50 6.49
CL CL Q . 19.37 -25.38 -9.57
CL CL R . -5.13 3.83 24.30
CL CL S . -15.54 -13.37 22.56
CL CL T . -6.09 20.25 29.94
#